data_6FE5
#
_entry.id   6FE5
#
_cell.length_a   101.702
_cell.length_b   130.687
_cell.length_c   159.829
_cell.angle_alpha   90.00
_cell.angle_beta   90.00
_cell.angle_gamma   90.00
#
_symmetry.space_group_name_H-M   'I 2 2 2'
#
loop_
_entity.id
_entity.type
_entity.pdbx_description
1 polymer 'Glutamate carboxypeptidase 2'
2 branched 2-acetamido-2-deoxy-beta-D-glucopyranose-(1-4)-2-acetamido-2-deoxy-beta-D-glucopyranose
3 branched alpha-D-mannopyranose-(1-3)-beta-D-mannopyranose-(1-4)-2-acetamido-2-deoxy-beta-D-glucopyranose-(1-4)-2-acetamido-2-deoxy-beta-D-glucopyranose
4 branched alpha-D-mannopyranose-(1-3)-[alpha-D-mannopyranose-(1-6)]beta-D-mannopyranose-(1-4)-2-acetamido-2-deoxy-beta-D-glucopyranose-(1-4)-2-acetamido-2-deoxy-beta-D-glucopyranose
5 non-polymer 2-acetamido-2-deoxy-beta-D-glucopyranose
6 non-polymer 'ZINC ION'
7 non-polymer 'CALCIUM ION'
8 non-polymer 'CHLORIDE ION'
9 non-polymer '(2~{S})-2-[[(2~{S})-4-methyl-1-oxidanyl-1-oxidanylidene-pentan-2-yl]carbamoylamino]pentanedioic acid'
10 water water
#
_entity_poly.entity_id   1
_entity_poly.type   'polypeptide(L)'
_entity_poly.pdbx_seq_one_letter_code
;KSSNEATNITPKHNMKAFLDELKAENIKKFLYNFTQIPHLAGTEQNFQLAKQIQSQWKEFGLDSVELAHYDVLLSYPNKT
HPNYISIINEDGNEIFNTSLFEPPPPGYENVSDIVPPFSAFSPQGMPEGDLVYVNYARTEDFFKLERDMKINCSGKIVIA
RYGKVFRGNKVKNAQLAGAKGVILYSDPADYFAPGVKSYPDGWNLPGGGVQRGNILNLNGAGDPLTPGYPANEYAYRRGI
AEAVGLPSIPVHPIGYYDAQKLLEKMGGSAPPDSSWRGSLKVPYNVGPGFTGNFSTQKVKMHIHSTNEVTRIYNVIGTLR
GAVEPDRYVILGGHRDSWVFGGIDPQSGAAVVHEIVRSFGTLKKEGWRPRRTILFASWDAMEFGLLGSTEWAEENSRLLQ
ERGVAYINADSSIEGNYTLRVDCTPLMYSLVHNLTKELKSPDEGFEGKSLYESWTKKSPSPEFSGMPRISKLGSGNDFEV
FFQRLGIASGRARYTKNWETNKFSGYPLYHSVYETYELVEKFYDPMFKYHLTVAQVRGGMVFELANSIVLPFDCRDYAVV
LRKYADKIYSISMKHPQEMKTYSVSFDSLFSAVKNFTEIASKFSERLQDFDKSNPIVLRMMNDQLMFLERAFIDPLGLPD
RPFYRHVIYAPSSHNKYAGESFPGIYDALFDIESKVDPSKAWGEVKRQIYVAAFTVQAAAETLSEVA
;
_entity_poly.pdbx_strand_id   A
#
loop_
_chem_comp.id
_chem_comp.type
_chem_comp.name
_chem_comp.formula
BMA D-saccharide, beta linking beta-D-mannopyranose 'C6 H12 O6'
CA non-polymer 'CALCIUM ION' 'Ca 2'
CL non-polymer 'CHLORIDE ION' 'Cl -1'
D6E non-polymer '(2~{S})-2-[[(2~{S})-4-methyl-1-oxidanyl-1-oxidanylidene-pentan-2-yl]carbamoylamino]pentanedioic acid' 'C12 H20 N2 O7'
MAN D-saccharide, alpha linking alpha-D-mannopyranose 'C6 H12 O6'
NAG D-saccharide, beta linking 2-acetamido-2-deoxy-beta-D-glucopyranose 'C8 H15 N O6'
ZN non-polymer 'ZINC ION' 'Zn 2'
#
# COMPACT_ATOMS: atom_id res chain seq x y z
N LYS A 12 15.35 -21.56 27.28
CA LYS A 12 15.95 -20.24 26.98
C LYS A 12 14.93 -19.28 26.34
N HIS A 13 15.25 -17.98 26.37
CA HIS A 13 14.49 -16.96 25.66
C HIS A 13 15.25 -16.58 24.40
N ASN A 14 14.87 -17.22 23.29
CA ASN A 14 15.47 -17.03 21.98
C ASN A 14 14.34 -16.94 20.98
N MET A 15 14.68 -16.85 19.70
CA MET A 15 13.59 -16.67 18.73
C MET A 15 12.64 -17.90 18.73
N LYS A 16 13.19 -19.10 18.89
CA LYS A 16 12.34 -20.29 18.93
C LYS A 16 11.28 -20.22 20.03
N ALA A 17 11.65 -19.71 21.22
CA ALA A 17 10.67 -19.56 22.31
C ALA A 17 9.56 -18.59 21.89
N PHE A 18 9.96 -17.47 21.29
CA PHE A 18 8.96 -16.53 20.78
C PHE A 18 8.00 -17.15 19.77
N LEU A 19 8.58 -17.81 18.76
CA LEU A 19 7.78 -18.38 17.68
C LEU A 19 6.87 -19.51 18.17
N ASP A 20 7.34 -20.32 19.11
CA ASP A 20 6.54 -21.47 19.57
C ASP A 20 5.32 -21.03 20.38
N GLU A 21 5.40 -19.85 20.99
CA GLU A 21 4.31 -19.33 21.79
C GLU A 21 3.13 -18.86 20.93
N LEU A 22 3.38 -18.47 19.67
CA LEU A 22 2.31 -18.05 18.74
C LEU A 22 1.35 -19.23 18.49
N LYS A 23 0.03 -18.96 18.58
CA LYS A 23 -0.99 -20.00 18.35
C LYS A 23 -2.03 -19.64 17.29
N ALA A 24 -2.24 -20.52 16.32
CA ALA A 24 -3.33 -20.38 15.34
C ALA A 24 -4.68 -20.12 15.98
N GLU A 25 -4.97 -20.83 17.07
CA GLU A 25 -6.29 -20.72 17.72
C GLU A 25 -6.51 -19.34 18.34
N ASN A 26 -5.42 -18.73 18.85
CA ASN A 26 -5.49 -17.36 19.36
C ASN A 26 -5.76 -16.38 18.25
N ILE A 27 -5.09 -16.55 17.11
CA ILE A 27 -5.31 -15.63 15.97
C ILE A 27 -6.78 -15.72 15.53
N LYS A 28 -7.32 -16.96 15.48
CA LYS A 28 -8.74 -17.16 15.14
C LYS A 28 -9.71 -16.46 16.10
N LYS A 29 -9.49 -16.61 17.42
CA LYS A 29 -10.29 -15.93 18.45
C LYS A 29 -10.24 -14.40 18.29
N PHE A 30 -9.04 -13.88 17.99
CA PHE A 30 -8.92 -12.43 17.88
C PHE A 30 -9.62 -11.94 16.61
N LEU A 31 -9.49 -12.70 15.53
CA LEU A 31 -10.13 -12.31 14.30
C LEU A 31 -11.65 -12.28 14.48
N TYR A 32 -12.23 -13.32 15.10
CA TYR A 32 -13.64 -13.29 15.36
C TYR A 32 -14.04 -12.03 16.17
N ASN A 33 -13.26 -11.74 17.21
CA ASN A 33 -13.52 -10.63 18.11
C ASN A 33 -13.51 -9.26 17.42
N PHE A 34 -12.68 -9.15 16.39
CA PHE A 34 -12.46 -7.85 15.72
C PHE A 34 -13.38 -7.59 14.55
N THR A 35 -14.26 -8.57 14.21
CA THR A 35 -15.01 -8.48 12.96
C THR A 35 -16.55 -8.62 13.10
N GLN A 36 -17.06 -8.46 14.31
CA GLN A 36 -18.52 -8.66 14.54
C GLN A 36 -19.34 -7.44 14.16
N ILE A 37 -18.72 -6.25 14.23
CA ILE A 37 -19.41 -5.00 13.86
C ILE A 37 -18.44 -4.16 13.00
N PRO A 38 -18.98 -3.17 12.27
CA PRO A 38 -18.06 -2.33 11.45
C PRO A 38 -17.18 -1.47 12.34
N HIS A 39 -15.97 -1.18 11.85
CA HIS A 39 -15.01 -0.29 12.57
C HIS A 39 -14.51 0.83 11.66
N LEU A 40 -15.46 1.58 11.09
CA LEU A 40 -15.15 2.67 10.13
C LEU A 40 -14.40 3.79 10.86
N ALA A 41 -13.31 4.30 10.24
CA ALA A 41 -12.58 5.41 10.89
C ALA A 41 -13.49 6.59 11.23
N GLY A 42 -13.23 7.10 12.42
CA GLY A 42 -13.92 8.29 12.94
C GLY A 42 -15.22 7.95 13.63
N THR A 43 -15.59 6.67 13.67
CA THR A 43 -16.86 6.27 14.34
C THR A 43 -16.64 5.81 15.77
N GLU A 44 -17.72 5.83 16.59
CA GLU A 44 -17.58 5.45 18.00
C GLU A 44 -17.12 4.00 18.14
N GLN A 45 -17.59 3.11 17.26
N GLN A 45 -17.61 3.13 17.24
CA GLN A 45 -17.20 1.72 17.36
CA GLN A 45 -17.26 1.71 17.21
C GLN A 45 -15.69 1.52 17.20
C GLN A 45 -15.75 1.45 17.07
N ASN A 46 -15.08 2.32 16.33
CA ASN A 46 -13.64 2.20 16.14
C ASN A 46 -12.82 2.78 17.29
N PHE A 47 -13.36 3.81 17.97
CA PHE A 47 -12.78 4.34 19.20
C PHE A 47 -12.88 3.27 20.29
N GLN A 48 -14.05 2.61 20.38
N GLN A 48 -14.06 2.63 20.38
CA GLN A 48 -14.15 1.56 21.40
CA GLN A 48 -14.26 1.55 21.34
C GLN A 48 -13.17 0.41 21.18
C GLN A 48 -13.25 0.41 21.17
N LEU A 49 -12.99 0.02 19.92
CA LEU A 49 -12.01 -1.04 19.63
C LEU A 49 -10.58 -0.56 19.98
N ALA A 50 -10.25 0.70 19.66
CA ALA A 50 -8.95 1.24 20.08
C ALA A 50 -8.71 1.13 21.59
N LYS A 51 -9.73 1.45 22.37
CA LYS A 51 -9.62 1.34 23.85
C LYS A 51 -9.46 -0.11 24.30
N GLN A 52 -10.17 -1.01 23.61
CA GLN A 52 -10.00 -2.44 23.91
C GLN A 52 -8.57 -2.94 23.66
N ILE A 53 -8.00 -2.60 22.49
N ILE A 53 -8.02 -2.59 22.46
CA ILE A 53 -6.65 -3.01 22.17
CA ILE A 53 -6.66 -2.95 22.08
C ILE A 53 -5.64 -2.39 23.12
C ILE A 53 -5.66 -2.39 23.10
N GLN A 54 -5.84 -1.11 23.46
CA GLN A 54 -4.97 -0.47 24.48
C GLN A 54 -4.97 -1.27 25.80
N SER A 55 -6.16 -1.60 26.27
N SER A 55 -6.16 -1.60 26.28
CA SER A 55 -6.29 -2.37 27.53
CA SER A 55 -6.30 -2.37 27.52
C SER A 55 -5.61 -3.72 27.42
C SER A 55 -5.65 -3.75 27.44
N GLN A 56 -5.86 -4.44 26.32
CA GLN A 56 -5.30 -5.79 26.14
C GLN A 56 -3.78 -5.77 25.99
N TRP A 57 -3.22 -4.82 25.22
CA TRP A 57 -1.77 -4.76 25.13
C TRP A 57 -1.11 -4.48 26.48
N LYS A 58 -1.78 -3.70 27.32
CA LYS A 58 -1.30 -3.44 28.70
C LYS A 58 -1.33 -4.78 29.47
N GLU A 59 -2.43 -5.50 29.43
N GLU A 59 -2.47 -5.47 29.41
CA GLU A 59 -2.50 -6.78 30.14
CA GLU A 59 -2.68 -6.81 30.01
C GLU A 59 -1.49 -7.78 29.58
C GLU A 59 -1.61 -7.81 29.55
N PHE A 60 -1.25 -7.75 28.26
CA PHE A 60 -0.25 -8.66 27.66
C PHE A 60 1.20 -8.40 28.16
N GLY A 61 1.45 -7.20 28.70
CA GLY A 61 2.68 -6.89 29.40
C GLY A 61 3.54 -5.77 28.81
N LEU A 62 3.03 -5.02 27.82
CA LEU A 62 3.86 -3.93 27.31
C LEU A 62 4.15 -2.86 28.40
N ASP A 63 5.27 -2.15 28.27
CA ASP A 63 5.63 -1.14 29.27
C ASP A 63 4.73 0.07 29.31
N SER A 64 4.29 0.55 28.14
CA SER A 64 3.32 1.64 28.09
C SER A 64 2.47 1.45 26.84
N VAL A 65 1.23 1.90 26.94
CA VAL A 65 0.34 1.83 25.77
C VAL A 65 -0.56 3.07 25.81
N GLU A 66 -0.42 3.93 24.79
CA GLU A 66 -1.10 5.20 24.76
C GLU A 66 -1.91 5.35 23.50
N LEU A 67 -2.95 6.19 23.56
CA LEU A 67 -3.64 6.55 22.33
C LEU A 67 -3.01 7.87 21.85
N ALA A 68 -2.77 7.98 20.54
CA ALA A 68 -2.30 9.23 19.93
C ALA A 68 -3.42 9.62 18.99
N HIS A 69 -4.06 10.75 19.27
CA HIS A 69 -5.20 11.20 18.46
C HIS A 69 -4.85 12.42 17.61
N TYR A 70 -5.61 12.57 16.53
CA TYR A 70 -5.47 13.67 15.55
C TYR A 70 -6.83 13.99 15.02
N ASP A 71 -7.00 15.20 14.49
CA ASP A 71 -8.30 15.58 13.89
C ASP A 71 -8.04 15.85 12.43
N VAL A 72 -8.54 14.94 11.57
CA VAL A 72 -8.13 14.88 10.12
C VAL A 72 -9.37 14.93 9.25
N LEU A 73 -9.18 15.32 7.99
CA LEU A 73 -10.33 15.34 7.06
C LEU A 73 -10.76 13.93 6.63
N LEU A 74 -12.02 13.56 6.96
CA LEU A 74 -12.62 12.27 6.49
C LEU A 74 -13.82 12.60 5.62
N SER A 75 -14.47 11.57 5.08
CA SER A 75 -15.56 11.78 4.12
C SER A 75 -16.60 10.70 4.36
N TYR A 76 -17.88 11.10 4.36
CA TYR A 76 -18.97 10.15 4.61
C TYR A 76 -20.19 10.45 3.75
N PRO A 77 -20.90 9.41 3.35
CA PRO A 77 -22.18 9.71 2.68
C PRO A 77 -23.17 10.42 3.60
N ASN A 78 -24.16 11.08 2.99
CA ASN A 78 -25.23 11.70 3.76
C ASN A 78 -26.34 10.66 3.98
N LYS A 79 -26.60 10.35 5.25
CA LYS A 79 -27.52 9.27 5.65
C LYS A 79 -28.97 9.52 5.18
N THR A 80 -29.34 10.79 5.08
CA THR A 80 -30.71 11.10 4.62
C THR A 80 -30.82 11.62 3.16
N HIS A 81 -29.71 11.55 2.41
CA HIS A 81 -29.67 12.00 1.03
C HIS A 81 -28.70 11.10 0.25
N PRO A 82 -29.14 9.88 -0.10
CA PRO A 82 -28.29 8.79 -0.60
C PRO A 82 -27.68 9.06 -1.95
N ASN A 83 -26.45 8.54 -2.14
CA ASN A 83 -25.79 8.60 -3.44
C ASN A 83 -26.35 7.53 -4.40
N TYR A 84 -26.52 7.89 -5.66
CA TYR A 84 -26.94 6.89 -6.69
C TYR A 84 -26.73 7.44 -8.09
N ILE A 85 -26.80 6.56 -9.09
CA ILE A 85 -26.67 6.96 -10.48
C ILE A 85 -27.98 6.54 -11.18
N SER A 86 -28.39 7.38 -12.13
CA SER A 86 -29.55 7.05 -13.01
C SER A 86 -29.24 7.04 -14.47
N ILE A 87 -30.10 6.32 -15.23
CA ILE A 87 -30.31 6.66 -16.64
C ILE A 87 -31.60 7.50 -16.65
N ILE A 88 -31.51 8.67 -17.28
CA ILE A 88 -32.67 9.56 -17.42
C ILE A 88 -33.07 9.65 -18.88
N ASN A 89 -34.38 9.70 -19.15
CA ASN A 89 -34.84 9.91 -20.54
C ASN A 89 -34.92 11.40 -20.86
N GLU A 90 -35.23 11.74 -22.11
CA GLU A 90 -35.29 13.14 -22.59
C GLU A 90 -36.22 14.09 -21.82
N ASP A 91 -37.24 13.53 -21.17
CA ASP A 91 -38.16 14.26 -20.26
C ASP A 91 -37.56 14.54 -18.88
N GLY A 92 -36.51 13.79 -18.53
CA GLY A 92 -35.89 13.90 -17.22
C GLY A 92 -36.46 12.94 -16.19
N ASN A 93 -37.13 11.87 -16.63
CA ASN A 93 -37.57 10.79 -15.74
C ASN A 93 -36.40 9.80 -15.55
N GLU A 94 -36.25 9.34 -14.31
CA GLU A 94 -35.15 8.40 -13.98
C GLU A 94 -35.66 6.99 -14.14
N ILE A 95 -35.29 6.39 -15.26
CA ILE A 95 -35.81 5.07 -15.66
C ILE A 95 -35.06 3.86 -15.13
N PHE A 96 -33.85 4.10 -14.62
CA PHE A 96 -33.07 3.07 -14.01
C PHE A 96 -32.25 3.76 -12.90
N ASN A 97 -32.23 3.17 -11.70
CA ASN A 97 -31.37 3.66 -10.59
C ASN A 97 -30.48 2.57 -10.10
N THR A 98 -29.22 2.95 -9.81
CA THR A 98 -28.33 1.95 -9.19
C THR A 98 -28.73 1.75 -7.71
N SER A 99 -28.19 0.69 -7.10
CA SER A 99 -28.55 0.30 -5.73
C SER A 99 -28.18 1.33 -4.67
N LEU A 100 -28.95 1.38 -3.58
CA LEU A 100 -28.57 2.25 -2.45
C LEU A 100 -27.69 1.57 -1.42
N PHE A 101 -27.53 0.26 -1.51
CA PHE A 101 -26.73 -0.52 -0.55
C PHE A 101 -26.45 -1.89 -1.12
N GLU A 102 -25.43 -2.57 -0.62
CA GLU A 102 -25.18 -3.99 -0.97
C GLU A 102 -26.13 -4.88 -0.15
N PRO A 103 -26.72 -5.91 -0.78
CA PRO A 103 -27.53 -6.82 0.06
C PRO A 103 -26.69 -7.45 1.19
N PRO A 104 -27.09 -7.27 2.46
CA PRO A 104 -26.19 -7.74 3.51
C PRO A 104 -26.09 -9.25 3.58
N PRO A 105 -24.93 -9.77 4.01
CA PRO A 105 -24.74 -11.22 4.03
C PRO A 105 -25.58 -11.93 5.11
N PRO A 106 -25.74 -13.28 4.97
CA PRO A 106 -26.59 -14.02 5.93
C PRO A 106 -26.26 -13.79 7.42
N GLY A 107 -27.29 -13.44 8.19
CA GLY A 107 -27.08 -13.24 9.62
C GLY A 107 -26.61 -11.83 10.01
N TYR A 108 -26.34 -10.99 9.01
CA TYR A 108 -25.92 -9.57 9.22
C TYR A 108 -26.91 -8.60 8.64
N GLU A 109 -28.07 -9.10 8.21
CA GLU A 109 -29.07 -8.26 7.57
C GLU A 109 -29.66 -7.22 8.56
N ASN A 110 -29.41 -7.40 9.87
CA ASN A 110 -29.85 -6.45 10.92
C ASN A 110 -28.71 -5.66 11.62
N VAL A 111 -27.48 -5.88 11.15
CA VAL A 111 -26.35 -5.10 11.62
C VAL A 111 -26.51 -3.60 11.25
N SER A 112 -26.34 -2.74 12.25
N SER A 112 -26.32 -2.76 12.25
CA SER A 112 -26.45 -1.29 12.09
CA SER A 112 -26.40 -1.30 12.15
C SER A 112 -25.13 -0.69 11.57
C SER A 112 -25.12 -0.71 11.54
N ASP A 113 -25.26 0.47 10.93
CA ASP A 113 -24.12 1.31 10.55
C ASP A 113 -23.18 0.66 9.55
N ILE A 114 -23.72 -0.11 8.60
CA ILE A 114 -22.88 -0.49 7.46
C ILE A 114 -22.87 0.71 6.52
N VAL A 115 -21.69 1.29 6.26
CA VAL A 115 -21.64 2.42 5.34
C VAL A 115 -21.94 1.96 3.90
N PRO A 116 -22.88 2.64 3.21
CA PRO A 116 -23.17 2.17 1.84
C PRO A 116 -21.95 2.42 0.93
N PRO A 117 -21.85 1.70 -0.19
CA PRO A 117 -20.74 1.98 -1.12
C PRO A 117 -20.68 3.46 -1.53
N PHE A 118 -19.46 4.02 -1.47
CA PHE A 118 -19.21 5.37 -1.95
C PHE A 118 -17.72 5.51 -2.20
N SER A 119 -17.37 6.56 -2.93
CA SER A 119 -15.94 6.88 -3.18
C SER A 119 -15.55 7.99 -2.20
N ALA A 120 -14.71 7.68 -1.20
CA ALA A 120 -14.40 8.70 -0.15
C ALA A 120 -13.63 9.87 -0.78
N PHE A 121 -14.12 11.06 -0.44
CA PHE A 121 -13.62 12.40 -0.81
C PHE A 121 -14.15 12.89 -2.14
N SER A 122 -15.07 12.15 -2.76
CA SER A 122 -15.76 12.74 -3.93
C SER A 122 -16.39 14.11 -3.56
N PRO A 123 -16.30 15.09 -4.47
CA PRO A 123 -17.14 16.29 -4.26
C PRO A 123 -18.61 15.97 -4.55
N GLN A 124 -19.46 16.90 -4.12
CA GLN A 124 -20.91 16.84 -4.40
C GLN A 124 -21.18 17.29 -5.80
N GLY A 125 -22.22 16.71 -6.39
CA GLY A 125 -22.67 17.21 -7.71
C GLY A 125 -23.74 16.29 -8.25
N MET A 126 -24.41 16.80 -9.29
CA MET A 126 -25.38 16.01 -10.02
C MET A 126 -25.14 16.12 -11.52
N PRO A 127 -23.93 15.80 -12.02
CA PRO A 127 -23.65 15.95 -13.44
C PRO A 127 -24.48 14.96 -14.28
N GLU A 128 -24.86 15.41 -15.48
CA GLU A 128 -25.66 14.62 -16.40
C GLU A 128 -24.98 14.67 -17.75
N GLY A 129 -24.82 13.52 -18.41
CA GLY A 129 -24.18 13.52 -19.71
C GLY A 129 -24.08 12.17 -20.35
N ASP A 130 -23.25 12.11 -21.39
CA ASP A 130 -23.05 10.89 -22.17
C ASP A 130 -21.85 10.12 -21.66
N LEU A 131 -21.95 8.80 -21.73
N LEU A 131 -21.96 8.80 -21.60
CA LEU A 131 -20.97 7.85 -21.21
CA LEU A 131 -20.87 7.97 -21.13
C LEU A 131 -19.84 7.52 -22.20
C LEU A 131 -19.81 7.77 -22.18
N VAL A 132 -18.58 7.59 -21.72
CA VAL A 132 -17.45 7.06 -22.48
C VAL A 132 -16.86 5.93 -21.62
N TYR A 133 -16.66 4.77 -22.19
CA TYR A 133 -16.01 3.65 -21.50
C TYR A 133 -14.51 3.70 -21.72
N VAL A 134 -13.73 3.68 -20.61
CA VAL A 134 -12.30 3.95 -20.68
C VAL A 134 -11.43 2.77 -20.19
N ASN A 135 -11.98 1.55 -20.24
CA ASN A 135 -11.27 0.32 -19.80
C ASN A 135 -10.87 0.52 -18.32
N TYR A 136 -9.58 0.35 -17.99
CA TYR A 136 -9.12 0.53 -16.58
C TYR A 136 -8.76 1.95 -16.24
N ALA A 137 -8.98 2.90 -17.16
CA ALA A 137 -8.70 4.33 -16.92
C ALA A 137 -7.19 4.54 -16.61
N ARG A 138 -6.33 3.66 -17.14
CA ARG A 138 -4.88 3.83 -17.03
C ARG A 138 -4.37 4.92 -17.99
N THR A 139 -3.15 5.41 -17.71
CA THR A 139 -2.53 6.39 -18.61
C THR A 139 -2.54 5.87 -20.05
N GLU A 140 -2.17 4.59 -20.27
CA GLU A 140 -2.17 4.05 -21.67
C GLU A 140 -3.59 3.89 -22.23
N ASP A 141 -4.60 3.76 -21.36
CA ASP A 141 -6.01 3.67 -21.88
C ASP A 141 -6.45 5.03 -22.44
N PHE A 142 -6.10 6.10 -21.73
CA PHE A 142 -6.39 7.44 -22.19
C PHE A 142 -5.54 7.84 -23.39
N PHE A 143 -4.29 7.37 -23.47
CA PHE A 143 -3.47 7.56 -24.68
C PHE A 143 -4.17 6.93 -25.89
N LYS A 144 -4.69 5.71 -25.71
CA LYS A 144 -5.36 4.99 -26.82
C LYS A 144 -6.62 5.71 -27.28
N LEU A 145 -7.42 6.20 -26.33
CA LEU A 145 -8.64 6.92 -26.65
C LEU A 145 -8.39 8.21 -27.40
N GLU A 146 -7.53 9.07 -26.85
N GLU A 146 -7.47 9.01 -26.88
CA GLU A 146 -7.29 10.40 -27.44
CA GLU A 146 -7.27 10.38 -27.36
C GLU A 146 -6.46 10.29 -28.71
C GLU A 146 -6.30 10.51 -28.52
N ARG A 147 -5.33 9.60 -28.61
CA ARG A 147 -4.28 9.66 -29.66
C ARG A 147 -4.61 8.76 -30.83
N ASP A 148 -5.08 7.55 -30.56
CA ASP A 148 -5.35 6.56 -31.62
C ASP A 148 -6.79 6.59 -32.09
N MET A 149 -7.74 6.62 -31.18
CA MET A 149 -9.16 6.53 -31.56
C MET A 149 -9.84 7.88 -31.77
N LYS A 150 -9.17 8.95 -31.35
CA LYS A 150 -9.64 10.36 -31.46
C LYS A 150 -10.96 10.59 -30.75
N ILE A 151 -11.13 10.02 -29.56
CA ILE A 151 -12.34 10.20 -28.78
C ILE A 151 -12.04 11.24 -27.70
N ASN A 152 -12.93 12.21 -27.56
CA ASN A 152 -12.74 13.32 -26.66
C ASN A 152 -13.59 13.07 -25.41
N CYS A 153 -12.96 12.99 -24.21
CA CYS A 153 -13.70 12.77 -22.98
C CYS A 153 -14.20 14.03 -22.32
N SER A 154 -13.89 15.21 -22.89
CA SER A 154 -14.26 16.49 -22.30
C SER A 154 -15.77 16.61 -22.14
N GLY A 155 -16.22 16.90 -20.92
CA GLY A 155 -17.63 17.02 -20.64
C GLY A 155 -18.42 15.73 -20.65
N LYS A 156 -17.73 14.58 -20.76
CA LYS A 156 -18.39 13.26 -20.70
C LYS A 156 -18.33 12.69 -19.28
N ILE A 157 -19.22 11.75 -18.98
CA ILE A 157 -19.09 10.93 -17.76
C ILE A 157 -18.31 9.69 -18.17
N VAL A 158 -17.20 9.41 -17.50
N VAL A 158 -17.22 9.41 -17.45
CA VAL A 158 -16.48 8.20 -17.86
CA VAL A 158 -16.36 8.27 -17.73
C VAL A 158 -16.88 7.06 -16.95
C VAL A 158 -16.79 7.04 -16.90
N ILE A 159 -16.95 5.89 -17.56
CA ILE A 159 -17.13 4.62 -16.84
C ILE A 159 -15.89 3.73 -17.01
N ALA A 160 -15.29 3.34 -15.87
CA ALA A 160 -14.06 2.61 -15.87
C ALA A 160 -14.24 1.38 -14.99
N ARG A 161 -13.63 0.24 -15.39
CA ARG A 161 -13.54 -0.93 -14.53
C ARG A 161 -12.39 -0.79 -13.52
N TYR A 162 -12.69 -1.23 -12.29
CA TYR A 162 -11.63 -1.35 -11.27
C TYR A 162 -10.62 -2.37 -11.71
N GLY A 163 -9.40 -2.22 -11.22
CA GLY A 163 -8.35 -3.23 -11.43
C GLY A 163 -7.07 -2.59 -11.94
N LYS A 164 -5.96 -3.34 -11.83
CA LYS A 164 -4.64 -2.95 -12.45
C LYS A 164 -3.89 -1.81 -11.75
N VAL A 165 -4.59 -0.72 -11.44
CA VAL A 165 -3.95 0.46 -10.78
C VAL A 165 -4.84 1.01 -9.71
N PHE A 166 -4.23 1.79 -8.79
CA PHE A 166 -4.97 2.46 -7.74
C PHE A 166 -6.08 3.38 -8.29
N ARG A 167 -7.26 3.30 -7.68
CA ARG A 167 -8.43 4.06 -8.22
C ARG A 167 -8.22 5.57 -8.20
N GLY A 168 -7.37 6.09 -7.27
CA GLY A 168 -7.09 7.52 -7.28
C GLY A 168 -6.36 7.92 -8.59
N ASN A 169 -5.48 7.06 -9.12
CA ASN A 169 -4.86 7.34 -10.43
C ASN A 169 -5.86 7.36 -11.57
N LYS A 170 -6.83 6.44 -11.52
CA LYS A 170 -7.92 6.44 -12.53
C LYS A 170 -8.66 7.79 -12.52
N VAL A 171 -8.98 8.31 -11.33
CA VAL A 171 -9.74 9.52 -11.23
C VAL A 171 -8.89 10.74 -11.69
N LYS A 172 -7.61 10.78 -11.30
CA LYS A 172 -6.70 11.83 -11.77
C LYS A 172 -6.67 11.83 -13.32
N ASN A 173 -6.57 10.64 -13.91
CA ASN A 173 -6.41 10.52 -15.37
C ASN A 173 -7.72 11.00 -16.02
N ALA A 174 -8.86 10.63 -15.43
CA ALA A 174 -10.16 11.05 -15.98
C ALA A 174 -10.33 12.57 -15.90
N GLN A 175 -9.92 13.19 -14.78
N GLN A 175 -9.89 13.15 -14.77
CA GLN A 175 -9.98 14.65 -14.65
CA GLN A 175 -9.94 14.59 -14.50
C GLN A 175 -9.16 15.31 -15.73
C GLN A 175 -9.08 15.42 -15.49
N LEU A 176 -7.93 14.87 -15.90
CA LEU A 176 -7.02 15.52 -16.88
C LEU A 176 -7.50 15.33 -18.32
N ALA A 177 -8.29 14.28 -18.57
CA ALA A 177 -9.00 14.10 -19.86
C ALA A 177 -10.24 14.99 -20.01
N GLY A 178 -10.60 15.74 -18.98
CA GLY A 178 -11.77 16.66 -19.02
C GLY A 178 -13.10 16.04 -18.66
N ALA A 179 -13.11 14.84 -18.08
CA ALA A 179 -14.37 14.20 -17.69
C ALA A 179 -15.13 15.04 -16.65
N LYS A 180 -16.46 14.93 -16.63
CA LYS A 180 -17.20 15.64 -15.61
C LYS A 180 -17.70 14.74 -14.47
N GLY A 181 -17.40 13.45 -14.55
CA GLY A 181 -17.75 12.50 -13.48
C GLY A 181 -17.13 11.17 -13.83
N VAL A 182 -16.96 10.29 -12.83
CA VAL A 182 -16.39 8.97 -13.03
C VAL A 182 -17.29 7.95 -12.32
N ILE A 183 -17.63 6.88 -13.02
CA ILE A 183 -18.30 5.70 -12.46
C ILE A 183 -17.33 4.54 -12.48
N LEU A 184 -17.04 3.96 -11.30
CA LEU A 184 -16.13 2.84 -11.15
C LEU A 184 -16.97 1.59 -10.91
N TYR A 185 -16.61 0.48 -11.56
CA TYR A 185 -17.37 -0.74 -11.33
C TYR A 185 -16.48 -1.96 -11.34
N SER A 186 -16.96 -3.04 -10.73
CA SER A 186 -16.21 -4.28 -10.66
C SER A 186 -16.65 -5.23 -11.78
N ASP A 187 -15.75 -5.51 -12.72
CA ASP A 187 -16.12 -6.43 -13.82
C ASP A 187 -15.84 -7.86 -13.36
N PRO A 188 -16.72 -8.84 -13.72
CA PRO A 188 -16.42 -10.21 -13.34
C PRO A 188 -15.11 -10.73 -13.92
N ALA A 189 -14.63 -10.13 -15.03
CA ALA A 189 -13.30 -10.53 -15.56
C ALA A 189 -12.20 -10.44 -14.49
N ASP A 190 -12.34 -9.43 -13.64
CA ASP A 190 -11.29 -9.13 -12.64
C ASP A 190 -11.66 -9.59 -11.23
N TYR A 191 -12.95 -9.76 -10.95
CA TYR A 191 -13.44 -10.04 -9.58
C TYR A 191 -14.32 -11.28 -9.43
N PHE A 192 -14.31 -12.13 -10.47
CA PHE A 192 -15.07 -13.41 -10.42
C PHE A 192 -14.20 -14.54 -11.03
N ALA A 193 -13.58 -15.33 -10.17
CA ALA A 193 -12.68 -16.40 -10.63
C ALA A 193 -13.54 -17.52 -11.21
N PRO A 194 -13.14 -18.06 -12.38
CA PRO A 194 -13.94 -19.14 -13.01
C PRO A 194 -14.07 -20.38 -12.12
N GLY A 195 -15.29 -20.93 -12.07
CA GLY A 195 -15.57 -22.12 -11.26
C GLY A 195 -15.71 -22.00 -9.76
N VAL A 196 -15.78 -20.75 -9.23
CA VAL A 196 -15.94 -20.52 -7.80
C VAL A 196 -17.32 -19.87 -7.61
N LYS A 197 -17.99 -20.19 -6.52
CA LYS A 197 -19.29 -19.58 -6.28
C LYS A 197 -19.18 -18.19 -5.65
N SER A 198 -20.20 -17.36 -5.91
CA SER A 198 -20.41 -16.07 -5.21
C SER A 198 -20.60 -16.26 -3.73
N TYR A 199 -20.15 -15.27 -2.92
CA TYR A 199 -20.47 -15.20 -1.51
C TYR A 199 -22.00 -15.27 -1.31
N PRO A 200 -22.51 -16.03 -0.32
CA PRO A 200 -21.90 -16.78 0.81
C PRO A 200 -21.43 -18.22 0.53
N ASP A 201 -21.54 -18.65 -0.72
CA ASP A 201 -21.23 -20.05 -1.08
C ASP A 201 -19.84 -20.25 -1.61
N GLY A 202 -19.09 -19.15 -1.82
CA GLY A 202 -17.68 -19.22 -2.16
C GLY A 202 -17.12 -17.84 -1.99
N TRP A 203 -15.92 -17.63 -2.56
CA TRP A 203 -15.20 -16.34 -2.28
C TRP A 203 -15.31 -15.31 -3.39
N ASN A 204 -16.19 -15.53 -4.37
CA ASN A 204 -16.43 -14.56 -5.45
C ASN A 204 -17.35 -13.39 -5.12
N LEU A 205 -17.19 -12.31 -5.88
CA LEU A 205 -18.05 -11.13 -5.78
C LEU A 205 -19.40 -11.38 -6.46
N PRO A 206 -20.50 -11.26 -5.70
CA PRO A 206 -21.84 -11.26 -6.34
C PRO A 206 -22.12 -9.99 -7.13
N GLY A 207 -23.16 -10.02 -7.99
CA GLY A 207 -23.43 -8.87 -8.85
C GLY A 207 -23.86 -7.60 -8.12
N GLY A 208 -24.33 -7.74 -6.88
CA GLY A 208 -24.71 -6.59 -6.04
C GLY A 208 -23.56 -6.12 -5.15
N GLY A 209 -22.44 -6.83 -5.17
CA GLY A 209 -21.24 -6.42 -4.33
C GLY A 209 -20.56 -5.18 -4.93
N VAL A 210 -19.97 -4.35 -4.05
CA VAL A 210 -19.34 -3.11 -4.54
C VAL A 210 -18.09 -2.84 -3.67
N GLN A 211 -17.04 -2.35 -4.34
CA GLN A 211 -15.76 -2.03 -3.70
C GLN A 211 -15.78 -0.58 -3.28
N ARG A 212 -15.69 -0.34 -1.95
CA ARG A 212 -15.48 1.02 -1.40
C ARG A 212 -13.99 1.41 -1.61
N GLY A 213 -13.71 2.70 -1.47
CA GLY A 213 -12.26 3.09 -1.40
C GLY A 213 -12.08 4.57 -1.66
N ASN A 214 -11.02 5.17 -1.06
CA ASN A 214 -10.81 6.61 -1.30
C ASN A 214 -10.18 6.83 -2.67
N ILE A 215 -10.42 8.04 -3.20
CA ILE A 215 -9.93 8.44 -4.51
C ILE A 215 -9.01 9.66 -4.49
N LEU A 216 -8.26 9.79 -3.37
CA LEU A 216 -7.28 10.89 -3.23
C LEU A 216 -6.04 10.67 -4.06
N ASN A 217 -5.33 11.80 -4.31
CA ASN A 217 -3.96 11.75 -4.82
C ASN A 217 -3.06 12.56 -3.88
N LEU A 218 -2.78 11.95 -2.72
CA LEU A 218 -2.06 12.66 -1.68
C LEU A 218 -0.55 12.72 -1.91
N ASN A 219 -0.02 11.77 -2.68
CA ASN A 219 1.48 11.68 -2.86
C ASN A 219 2.27 11.74 -1.56
N GLY A 220 1.74 11.08 -0.54
CA GLY A 220 2.46 11.01 0.74
C GLY A 220 2.13 12.07 1.76
N ALA A 221 1.19 12.96 1.45
CA ALA A 221 1.03 14.10 2.35
C ALA A 221 0.36 13.80 3.67
N GLY A 222 -0.45 12.76 3.78
CA GLY A 222 -1.26 12.53 4.99
C GLY A 222 -2.54 13.34 4.99
N ASP A 223 -3.00 13.80 6.16
CA ASP A 223 -4.23 14.63 6.21
C ASP A 223 -4.22 15.74 5.15
N PRO A 224 -5.25 15.81 4.30
CA PRO A 224 -5.23 16.82 3.26
C PRO A 224 -5.08 18.26 3.74
N LEU A 225 -5.43 18.54 5.01
CA LEU A 225 -5.45 19.92 5.47
C LEU A 225 -4.16 20.36 6.17
N THR A 226 -3.26 19.42 6.48
CA THR A 226 -2.07 19.74 7.32
C THR A 226 -0.74 19.16 6.78
N PRO A 227 -0.46 19.28 5.48
CA PRO A 227 0.77 18.63 4.96
C PRO A 227 2.04 19.12 5.64
N GLY A 228 2.84 18.17 6.15
CA GLY A 228 4.12 18.51 6.83
C GLY A 228 4.13 18.49 8.33
N TYR A 229 2.93 18.55 8.96
CA TYR A 229 2.81 18.80 10.40
C TYR A 229 1.64 17.98 10.97
N PRO A 230 1.76 17.53 12.20
CA PRO A 230 0.64 16.73 12.74
C PRO A 230 -0.64 17.54 12.98
N ALA A 231 -1.78 16.89 12.71
CA ALA A 231 -3.08 17.51 12.87
C ALA A 231 -3.51 17.47 14.34
N ASN A 232 -2.75 18.19 15.16
CA ASN A 232 -2.97 18.21 16.61
C ASN A 232 -3.99 19.31 17.00
N GLU A 233 -4.14 19.61 18.30
CA GLU A 233 -5.20 20.52 18.75
C GLU A 233 -5.06 21.94 18.26
N TYR A 234 -3.82 22.38 18.04
CA TYR A 234 -3.61 23.76 17.65
C TYR A 234 -3.22 23.94 16.20
N ALA A 235 -3.37 22.89 15.41
CA ALA A 235 -2.92 22.92 14.02
C ALA A 235 -3.62 23.98 13.20
N TYR A 236 -2.94 24.62 12.27
N TYR A 236 -2.81 24.62 12.36
CA TYR A 236 -3.60 25.59 11.41
CA TYR A 236 -3.23 25.36 11.18
C TYR A 236 -3.90 24.91 10.07
C TYR A 236 -3.66 24.33 10.18
N ARG A 237 -5.17 24.89 9.65
N ARG A 237 -4.85 24.58 9.68
CA ARG A 237 -5.61 24.05 8.51
CA ARG A 237 -5.41 23.85 8.56
C ARG A 237 -5.75 24.80 7.26
C ARG A 237 -5.51 24.78 7.35
N ARG A 238 -5.31 24.20 6.18
CA ARG A 238 -5.65 24.79 4.87
C ARG A 238 -7.16 24.83 4.72
N GLY A 239 -7.60 25.82 3.94
CA GLY A 239 -8.97 25.79 3.43
C GLY A 239 -9.15 24.65 2.46
N ILE A 240 -10.40 24.22 2.28
CA ILE A 240 -10.71 23.13 1.32
C ILE A 240 -10.12 23.36 -0.05
N ALA A 241 -10.23 24.60 -0.57
CA ALA A 241 -9.70 24.87 -1.90
C ALA A 241 -8.21 24.71 -2.04
N GLU A 242 -7.47 24.69 -0.93
CA GLU A 242 -6.01 24.53 -0.98
C GLU A 242 -5.61 23.16 -0.39
N ALA A 243 -6.58 22.33 -0.06
CA ALA A 243 -6.26 20.98 0.50
C ALA A 243 -5.46 20.16 -0.50
N VAL A 244 -4.71 19.19 0.02
CA VAL A 244 -3.98 18.31 -0.88
C VAL A 244 -4.81 17.13 -1.37
N GLY A 245 -4.78 16.92 -2.69
CA GLY A 245 -5.19 15.61 -3.24
C GLY A 245 -6.66 15.34 -3.50
N LEU A 246 -7.51 16.35 -3.33
N LEU A 246 -7.53 16.32 -3.27
CA LEU A 246 -8.97 16.13 -3.47
CA LEU A 246 -8.97 16.10 -3.46
C LEU A 246 -9.37 16.10 -4.96
C LEU A 246 -9.34 16.07 -4.95
N PRO A 247 -10.28 15.19 -5.33
CA PRO A 247 -10.77 15.13 -6.73
C PRO A 247 -11.69 16.30 -7.01
N SER A 248 -11.73 16.71 -8.29
N SER A 248 -11.74 16.73 -8.28
CA SER A 248 -12.52 17.88 -8.72
CA SER A 248 -12.55 17.89 -8.67
C SER A 248 -13.89 17.52 -9.30
C SER A 248 -13.81 17.52 -9.48
N ILE A 249 -14.11 16.23 -9.54
CA ILE A 249 -15.34 15.72 -10.24
C ILE A 249 -15.96 14.64 -9.39
N PRO A 250 -17.29 14.47 -9.44
CA PRO A 250 -17.92 13.41 -8.65
C PRO A 250 -17.61 12.01 -9.13
N VAL A 251 -17.52 11.08 -8.17
CA VAL A 251 -17.12 9.70 -8.44
C VAL A 251 -17.98 8.75 -7.59
N HIS A 252 -18.36 7.60 -8.12
CA HIS A 252 -19.14 6.63 -7.36
C HIS A 252 -18.88 5.21 -7.87
N PRO A 253 -18.85 4.21 -6.95
CA PRO A 253 -18.62 2.83 -7.39
C PRO A 253 -19.94 2.02 -7.40
N ILE A 254 -19.99 1.08 -8.34
CA ILE A 254 -21.16 0.19 -8.50
C ILE A 254 -20.70 -1.25 -8.76
N GLY A 255 -21.66 -2.18 -8.61
CA GLY A 255 -21.42 -3.60 -8.88
C GLY A 255 -21.79 -3.94 -10.31
N TYR A 256 -21.55 -5.20 -10.66
CA TYR A 256 -21.68 -5.57 -12.08
C TYR A 256 -23.12 -5.77 -12.56
N TYR A 257 -24.07 -6.08 -11.68
CA TYR A 257 -25.51 -5.98 -12.12
C TYR A 257 -25.88 -4.59 -12.59
N ASP A 258 -25.51 -3.57 -11.83
CA ASP A 258 -25.77 -2.20 -12.20
C ASP A 258 -24.92 -1.78 -13.40
N ALA A 259 -23.63 -2.18 -13.42
CA ALA A 259 -22.80 -1.78 -14.58
C ALA A 259 -23.38 -2.30 -15.90
N GLN A 260 -23.86 -3.53 -15.87
CA GLN A 260 -24.46 -4.13 -17.08
C GLN A 260 -25.59 -3.25 -17.65
N LYS A 261 -26.44 -2.72 -16.78
CA LYS A 261 -27.47 -1.79 -17.21
C LYS A 261 -26.94 -0.49 -17.83
N LEU A 262 -25.81 0.02 -17.33
CA LEU A 262 -25.22 1.22 -17.91
C LEU A 262 -24.48 0.96 -19.21
N LEU A 263 -23.86 -0.23 -19.32
CA LEU A 263 -23.01 -0.54 -20.44
C LEU A 263 -23.78 -1.10 -21.63
N GLU A 264 -24.87 -1.81 -21.36
CA GLU A 264 -25.56 -2.54 -22.46
C GLU A 264 -26.06 -1.67 -23.62
N LYS A 265 -26.43 -0.43 -23.33
CA LYS A 265 -26.94 0.48 -24.36
C LYS A 265 -25.85 1.28 -25.06
N MET A 266 -24.58 1.16 -24.63
CA MET A 266 -23.49 1.92 -25.28
C MET A 266 -23.29 1.74 -26.79
N GLY A 267 -23.16 2.87 -27.48
CA GLY A 267 -22.86 2.91 -28.90
C GLY A 267 -21.53 3.52 -29.25
N GLY A 268 -21.52 4.34 -30.31
CA GLY A 268 -20.26 4.92 -30.83
C GLY A 268 -19.29 3.84 -31.27
N SER A 269 -17.99 4.06 -31.01
CA SER A 269 -16.92 3.17 -31.48
C SER A 269 -16.88 1.84 -30.77
N ALA A 270 -16.51 0.80 -31.50
CA ALA A 270 -16.26 -0.55 -30.96
C ALA A 270 -15.02 -0.50 -30.03
N PRO A 271 -14.87 -1.49 -29.09
CA PRO A 271 -13.60 -1.56 -28.32
C PRO A 271 -12.45 -1.76 -29.30
N PRO A 272 -11.27 -1.16 -29.03
CA PRO A 272 -10.18 -1.22 -30.01
C PRO A 272 -9.54 -2.61 -30.14
N ASP A 273 -9.73 -3.47 -29.13
CA ASP A 273 -9.18 -4.84 -29.10
C ASP A 273 -9.72 -5.58 -27.88
N SER A 274 -9.40 -6.87 -27.78
CA SER A 274 -9.93 -7.73 -26.71
C SER A 274 -9.50 -7.39 -25.28
N SER A 275 -8.35 -6.72 -25.11
CA SER A 275 -7.88 -6.26 -23.78
C SER A 275 -8.81 -5.20 -23.17
N TRP A 276 -9.71 -4.65 -23.99
CA TRP A 276 -10.76 -3.73 -23.55
C TRP A 276 -12.08 -4.39 -23.14
N ARG A 277 -12.25 -5.68 -23.45
N ARG A 277 -12.26 -5.68 -23.46
CA ARG A 277 -13.49 -6.37 -23.16
CA ARG A 277 -13.49 -6.37 -23.16
C ARG A 277 -13.38 -7.16 -21.86
C ARG A 277 -13.38 -7.15 -21.85
N GLY A 278 -14.33 -6.92 -20.95
CA GLY A 278 -14.48 -7.74 -19.74
C GLY A 278 -15.41 -8.91 -20.05
N SER A 279 -16.06 -9.46 -19.02
CA SER A 279 -16.80 -10.74 -19.13
C SER A 279 -18.32 -10.60 -19.16
N LEU A 280 -18.84 -9.38 -19.07
CA LEU A 280 -20.30 -9.17 -19.15
C LEU A 280 -20.76 -9.36 -20.59
N LYS A 281 -22.05 -9.65 -20.72
CA LYS A 281 -22.65 -9.85 -22.06
C LYS A 281 -23.07 -8.52 -22.64
N VAL A 282 -22.07 -7.71 -22.99
CA VAL A 282 -22.25 -6.39 -23.57
C VAL A 282 -21.12 -6.20 -24.59
N PRO A 283 -21.26 -5.24 -25.55
CA PRO A 283 -20.22 -5.11 -26.59
C PRO A 283 -18.91 -4.46 -26.10
N TYR A 284 -18.97 -3.74 -24.98
CA TYR A 284 -17.85 -2.90 -24.50
C TYR A 284 -17.51 -1.77 -25.48
N ASN A 285 -18.56 -1.21 -26.12
CA ASN A 285 -18.41 -0.04 -26.97
C ASN A 285 -17.89 1.14 -26.17
N VAL A 286 -17.06 1.96 -26.81
CA VAL A 286 -16.38 3.04 -26.06
C VAL A 286 -17.29 4.27 -25.96
N GLY A 287 -18.29 4.37 -26.85
CA GLY A 287 -19.15 5.56 -26.86
C GLY A 287 -18.57 6.63 -27.77
N PRO A 288 -18.88 7.92 -27.53
CA PRO A 288 -19.70 8.48 -26.48
C PRO A 288 -21.17 8.15 -26.67
N GLY A 289 -21.88 8.02 -25.54
CA GLY A 289 -23.35 7.91 -25.55
C GLY A 289 -23.86 6.55 -25.97
N PHE A 290 -25.19 6.48 -26.14
CA PHE A 290 -25.91 5.21 -26.35
C PHE A 290 -26.27 4.99 -27.83
N THR A 291 -26.59 3.75 -28.20
CA THR A 291 -27.06 3.44 -29.60
C THR A 291 -28.35 4.20 -29.98
N GLY A 292 -28.51 4.45 -31.28
CA GLY A 292 -29.56 5.29 -31.85
C GLY A 292 -30.93 5.36 -31.21
N ASN A 293 -31.49 4.20 -30.84
CA ASN A 293 -32.81 4.14 -30.17
C ASN A 293 -32.86 4.86 -28.82
N PHE A 294 -31.73 4.82 -28.12
CA PHE A 294 -31.59 5.40 -26.78
C PHE A 294 -30.71 6.65 -26.76
N SER A 295 -30.38 7.17 -27.94
CA SER A 295 -29.40 8.26 -28.12
C SER A 295 -29.76 9.54 -27.35
N THR A 296 -31.02 9.68 -26.96
CA THR A 296 -31.50 10.84 -26.20
C THR A 296 -31.50 10.64 -24.68
N GLN A 297 -31.26 9.41 -24.24
CA GLN A 297 -31.12 9.12 -22.80
C GLN A 297 -29.70 9.54 -22.39
N LYS A 298 -29.56 9.88 -21.11
CA LYS A 298 -28.27 10.30 -20.57
C LYS A 298 -28.07 9.63 -19.22
N VAL A 299 -26.88 9.79 -18.65
CA VAL A 299 -26.60 9.28 -17.32
C VAL A 299 -26.45 10.46 -16.35
N LYS A 300 -27.04 10.31 -15.16
CA LYS A 300 -27.00 11.34 -14.15
C LYS A 300 -26.46 10.78 -12.83
N MET A 301 -25.43 11.42 -12.29
CA MET A 301 -24.94 11.06 -10.96
C MET A 301 -25.62 11.90 -9.88
N HIS A 302 -25.73 11.39 -8.67
CA HIS A 302 -26.21 12.18 -7.56
C HIS A 302 -25.30 11.88 -6.40
N ILE A 303 -24.36 12.79 -6.12
CA ILE A 303 -23.40 12.58 -5.04
C ILE A 303 -23.55 13.72 -4.02
N HIS A 304 -23.71 13.31 -2.77
CA HIS A 304 -24.03 14.23 -1.66
C HIS A 304 -23.20 14.01 -0.41
N SER A 305 -22.12 13.24 -0.59
CA SER A 305 -21.18 12.98 0.52
C SER A 305 -20.56 14.28 1.03
N THR A 306 -20.09 14.27 2.28
CA THR A 306 -19.47 15.48 2.85
C THR A 306 -18.12 15.19 3.47
N ASN A 307 -17.20 16.12 3.30
CA ASN A 307 -15.90 16.01 3.97
C ASN A 307 -16.02 16.70 5.33
N GLU A 308 -15.41 16.10 6.35
N GLU A 308 -15.52 16.06 6.38
CA GLU A 308 -15.67 16.42 7.77
CA GLU A 308 -15.55 16.70 7.71
C GLU A 308 -14.39 16.19 8.60
C GLU A 308 -14.33 16.28 8.49
N VAL A 309 -13.86 17.23 9.25
CA VAL A 309 -12.70 17.04 10.18
C VAL A 309 -13.22 16.20 11.36
N THR A 310 -12.55 15.10 11.65
CA THR A 310 -13.02 14.05 12.55
C THR A 310 -11.83 13.49 13.35
N ARG A 311 -12.07 13.14 14.60
CA ARG A 311 -10.97 12.64 15.46
C ARG A 311 -10.70 11.14 15.12
N ILE A 312 -9.41 10.80 15.09
CA ILE A 312 -8.95 9.41 14.85
C ILE A 312 -7.96 9.05 15.96
N TYR A 313 -7.75 7.77 16.16
CA TYR A 313 -6.97 7.29 17.33
C TYR A 313 -6.02 6.20 16.95
N ASN A 314 -4.72 6.43 17.11
CA ASN A 314 -3.75 5.34 16.96
C ASN A 314 -3.45 4.72 18.30
N VAL A 315 -3.27 3.40 18.38
CA VAL A 315 -2.75 2.84 19.65
C VAL A 315 -1.25 2.62 19.49
N ILE A 316 -0.43 3.08 20.46
CA ILE A 316 1.03 2.95 20.36
C ILE A 316 1.51 2.23 21.63
N GLY A 317 2.05 1.05 21.42
CA GLY A 317 2.58 0.20 22.52
C GLY A 317 4.08 0.19 22.51
N THR A 318 4.71 0.22 23.70
CA THR A 318 6.20 0.21 23.74
C THR A 318 6.68 -0.98 24.57
N LEU A 319 7.69 -1.66 24.07
CA LEU A 319 8.43 -2.67 24.85
C LEU A 319 9.85 -2.18 24.88
N ARG A 320 10.24 -1.57 25.99
CA ARG A 320 11.57 -0.94 26.09
C ARG A 320 12.76 -1.90 25.93
N GLY A 321 13.74 -1.55 25.10
CA GLY A 321 14.95 -2.37 24.93
C GLY A 321 15.87 -2.37 26.16
N ALA A 322 16.48 -3.51 26.37
CA ALA A 322 17.42 -3.68 27.49
C ALA A 322 18.74 -2.99 27.31
N VAL A 323 19.23 -2.91 26.07
CA VAL A 323 20.62 -2.45 25.79
C VAL A 323 20.63 -1.16 24.95
N GLU A 324 19.81 -1.17 23.90
CA GLU A 324 19.68 0.02 22.99
C GLU A 324 18.23 0.53 23.01
N PRO A 325 17.76 1.09 24.13
CA PRO A 325 16.37 1.55 24.19
C PRO A 325 16.08 2.71 23.22
N ASP A 326 17.14 3.39 22.77
CA ASP A 326 16.97 4.49 21.83
C ASP A 326 17.08 4.01 20.39
N ARG A 327 16.81 2.73 20.13
CA ARG A 327 16.73 2.20 18.77
C ARG A 327 15.40 1.53 18.65
N TYR A 328 14.62 1.91 17.63
CA TYR A 328 13.21 1.46 17.51
C TYR A 328 13.00 0.54 16.33
N VAL A 329 12.41 -0.62 16.63
CA VAL A 329 11.91 -1.55 15.59
C VAL A 329 10.39 -1.48 15.73
N ILE A 330 9.71 -1.11 14.62
CA ILE A 330 8.26 -0.86 14.64
C ILE A 330 7.52 -1.94 13.86
N LEU A 331 6.48 -2.48 14.53
CA LEU A 331 5.47 -3.36 13.86
C LEU A 331 4.15 -2.62 13.87
N GLY A 332 3.67 -2.28 12.68
CA GLY A 332 2.45 -1.43 12.59
C GLY A 332 1.51 -1.92 11.53
N GLY A 333 0.21 -1.75 11.82
CA GLY A 333 -0.79 -2.03 10.75
C GLY A 333 -2.08 -1.38 11.19
N HIS A 334 -3.02 -1.22 10.26
CA HIS A 334 -4.23 -0.48 10.62
C HIS A 334 -5.34 -1.31 11.24
N ARG A 335 -6.27 -0.57 11.83
CA ARG A 335 -7.42 -1.12 12.58
C ARG A 335 -8.74 -0.73 11.94
N ASP A 336 -8.81 0.45 11.31
CA ASP A 336 -10.07 0.90 10.69
C ASP A 336 -10.38 0.05 9.49
N SER A 337 -11.66 -0.19 9.27
CA SER A 337 -12.09 -0.99 8.12
C SER A 337 -13.20 -0.26 7.40
N TRP A 338 -13.48 -0.70 6.17
CA TRP A 338 -14.64 -0.12 5.46
C TRP A 338 -15.94 -0.64 6.04
N VAL A 339 -16.04 -1.96 6.23
CA VAL A 339 -17.21 -2.54 6.93
C VAL A 339 -16.65 -3.47 8.01
N PHE A 340 -16.75 -4.78 7.86
CA PHE A 340 -16.33 -5.71 8.91
C PHE A 340 -14.85 -6.02 8.92
N GLY A 341 -14.18 -5.77 7.80
CA GLY A 341 -12.72 -5.99 7.70
C GLY A 341 -12.22 -7.40 7.97
N GLY A 342 -13.00 -8.40 7.53
CA GLY A 342 -12.64 -9.79 7.79
C GLY A 342 -11.26 -10.13 7.31
N ILE A 343 -10.89 -9.68 6.10
CA ILE A 343 -9.48 -9.80 5.67
C ILE A 343 -8.75 -8.46 6.03
N ASP A 344 -9.30 -7.38 5.47
CA ASP A 344 -8.62 -6.04 5.49
C ASP A 344 -9.27 -5.10 6.54
N PRO A 345 -8.63 -4.88 7.69
CA PRO A 345 -7.24 -5.25 8.09
C PRO A 345 -7.23 -6.32 9.14
N GLN A 346 -8.39 -6.83 9.57
CA GLN A 346 -8.33 -7.54 10.84
C GLN A 346 -7.58 -8.87 10.79
N SER A 347 -7.44 -9.49 9.61
CA SER A 347 -6.54 -10.64 9.55
C SER A 347 -5.12 -10.30 9.84
N GLY A 348 -4.75 -9.03 9.60
CA GLY A 348 -3.43 -8.52 10.02
C GLY A 348 -3.41 -8.09 11.47
N ALA A 349 -4.44 -7.38 11.91
CA ALA A 349 -4.51 -6.90 13.31
C ALA A 349 -4.55 -8.06 14.31
N ALA A 350 -5.20 -9.17 13.94
CA ALA A 350 -5.22 -10.35 14.82
C ALA A 350 -3.86 -10.96 14.95
N VAL A 351 -3.08 -10.93 13.85
CA VAL A 351 -1.68 -11.42 13.87
C VAL A 351 -0.82 -10.50 14.77
N VAL A 352 -0.94 -9.17 14.62
CA VAL A 352 -0.19 -8.28 15.52
C VAL A 352 -0.54 -8.54 16.99
N HIS A 353 -1.84 -8.75 17.28
CA HIS A 353 -2.31 -8.98 18.65
C HIS A 353 -1.62 -10.22 19.23
N GLU A 354 -1.55 -11.28 18.44
CA GLU A 354 -0.86 -12.49 18.93
C GLU A 354 0.62 -12.34 19.07
N ILE A 355 1.24 -11.54 18.18
CA ILE A 355 2.67 -11.22 18.35
C ILE A 355 2.97 -10.44 19.64
N VAL A 356 2.14 -9.44 19.93
CA VAL A 356 2.26 -8.67 21.17
C VAL A 356 2.11 -9.63 22.34
N ARG A 357 1.12 -10.50 22.26
CA ARG A 357 0.88 -11.45 23.38
C ARG A 357 2.11 -12.33 23.60
N SER A 358 2.68 -12.85 22.52
CA SER A 358 3.88 -13.68 22.63
C SER A 358 5.09 -12.94 23.20
N PHE A 359 5.40 -11.74 22.67
CA PHE A 359 6.50 -10.95 23.24
C PHE A 359 6.24 -10.65 24.71
N GLY A 360 4.99 -10.37 25.08
CA GLY A 360 4.63 -10.10 26.46
C GLY A 360 4.81 -11.31 27.39
N THR A 361 4.63 -12.52 26.87
CA THR A 361 4.87 -13.75 27.66
C THR A 361 6.34 -13.85 28.03
N LEU A 362 7.23 -13.55 27.09
CA LEU A 362 8.66 -13.59 27.35
C LEU A 362 9.03 -12.51 28.34
N LYS A 363 8.46 -11.32 28.16
CA LYS A 363 8.74 -10.20 29.07
C LYS A 363 8.35 -10.54 30.53
N LYS A 364 7.19 -11.19 30.71
CA LYS A 364 6.75 -11.58 32.05
C LYS A 364 7.70 -12.58 32.71
N GLU A 365 8.45 -13.33 31.91
CA GLU A 365 9.47 -14.28 32.43
C GLU A 365 10.85 -13.63 32.60
N GLY A 366 10.92 -12.33 32.35
CA GLY A 366 12.13 -11.57 32.63
C GLY A 366 12.99 -11.15 31.45
N TRP A 367 12.54 -11.46 30.23
CA TRP A 367 13.30 -11.15 29.04
C TRP A 367 12.92 -9.73 28.56
N ARG A 368 13.86 -9.08 27.91
CA ARG A 368 13.55 -7.87 27.12
C ARG A 368 14.35 -7.99 25.86
N PRO A 369 13.84 -7.43 24.74
CA PRO A 369 14.61 -7.37 23.52
C PRO A 369 15.80 -6.42 23.71
N ARG A 370 16.80 -6.55 22.85
CA ARG A 370 17.97 -5.67 22.90
C ARG A 370 17.58 -4.21 22.62
N ARG A 371 16.85 -4.06 21.52
CA ARG A 371 16.34 -2.71 21.11
C ARG A 371 14.84 -2.58 21.46
N THR A 372 14.34 -1.34 21.50
CA THR A 372 12.93 -1.08 21.77
C THR A 372 12.06 -1.53 20.59
N ILE A 373 10.95 -2.19 20.93
CA ILE A 373 9.94 -2.50 19.92
C ILE A 373 8.72 -1.63 20.17
N LEU A 374 8.26 -0.98 19.10
CA LEU A 374 7.01 -0.19 19.11
C LEU A 374 5.98 -0.96 18.28
N PHE A 375 4.79 -1.06 18.85
CA PHE A 375 3.66 -1.70 18.20
C PHE A 375 2.58 -0.64 17.93
N ALA A 376 2.03 -0.67 16.72
CA ALA A 376 1.04 0.36 16.37
C ALA A 376 -0.19 -0.25 15.73
N SER A 377 -1.35 0.25 16.16
CA SER A 377 -2.68 0.02 15.58
C SER A 377 -3.12 1.36 14.97
N TRP A 378 -2.92 1.51 13.67
CA TRP A 378 -3.18 2.82 13.01
C TRP A 378 -4.65 3.03 12.68
N ASP A 379 -5.09 4.29 12.73
CA ASP A 379 -6.45 4.60 12.32
C ASP A 379 -6.45 5.31 10.96
N ALA A 380 -7.65 5.39 10.39
CA ALA A 380 -7.95 6.14 9.14
C ALA A 380 -6.98 5.80 7.99
N MET A 381 -6.52 4.56 7.96
CA MET A 381 -5.67 4.15 6.84
C MET A 381 -6.51 4.17 5.57
N GLU A 382 -7.76 3.70 5.66
CA GLU A 382 -8.58 3.60 4.46
C GLU A 382 -8.86 4.96 3.81
N PHE A 383 -8.65 6.03 4.59
CA PHE A 383 -8.93 7.37 4.07
C PHE A 383 -7.64 8.09 3.62
N GLY A 384 -6.54 7.30 3.49
CA GLY A 384 -5.30 7.84 2.88
C GLY A 384 -4.09 7.74 3.75
N LEU A 385 -3.99 6.65 4.49
CA LEU A 385 -2.78 6.39 5.36
C LEU A 385 -2.66 7.53 6.41
N LEU A 386 -3.82 8.01 6.91
CA LEU A 386 -3.78 9.27 7.68
C LEU A 386 -3.19 9.11 9.06
N GLY A 387 -3.54 8.04 9.78
CA GLY A 387 -3.08 7.85 11.17
C GLY A 387 -1.57 7.61 11.23
N SER A 388 -1.05 6.71 10.38
CA SER A 388 0.41 6.47 10.39
C SER A 388 1.14 7.76 9.99
N THR A 389 0.62 8.47 8.99
CA THR A 389 1.37 9.64 8.48
C THR A 389 1.36 10.77 9.51
N GLU A 390 0.23 11.03 10.17
CA GLU A 390 0.21 12.13 11.17
C GLU A 390 1.10 11.79 12.33
N TRP A 391 1.13 10.51 12.76
CA TRP A 391 2.02 10.13 13.86
C TRP A 391 3.48 10.29 13.49
N ALA A 392 3.84 9.87 12.30
CA ALA A 392 5.21 10.05 11.83
C ALA A 392 5.56 11.49 11.66
N GLU A 393 4.60 12.34 11.23
CA GLU A 393 4.88 13.80 11.20
C GLU A 393 5.17 14.34 12.59
N GLU A 394 4.39 13.89 13.57
CA GLU A 394 4.61 14.37 14.96
C GLU A 394 5.98 13.90 15.43
N ASN A 395 6.39 12.67 15.08
CA ASN A 395 7.56 12.07 15.72
C ASN A 395 8.76 11.92 14.79
N SER A 396 8.77 12.72 13.72
CA SER A 396 9.78 12.55 12.67
C SER A 396 11.22 12.65 13.15
N ARG A 397 11.50 13.52 14.13
CA ARG A 397 12.90 13.66 14.61
C ARG A 397 13.34 12.42 15.35
N LEU A 398 12.42 11.85 16.14
CA LEU A 398 12.77 10.63 16.86
C LEU A 398 12.95 9.50 15.85
N LEU A 399 12.08 9.44 14.87
CA LEU A 399 12.14 8.33 13.92
C LEU A 399 13.36 8.42 13.01
N GLN A 400 13.69 9.61 12.55
CA GLN A 400 14.83 9.64 11.68
C GLN A 400 16.18 9.39 12.36
N GLU A 401 16.29 9.72 13.67
CA GLU A 401 17.56 9.44 14.32
C GLU A 401 17.62 8.10 15.03
N ARG A 402 16.48 7.45 15.22
CA ARG A 402 16.42 6.23 16.04
C ARG A 402 15.77 5.05 15.33
N GLY A 403 15.13 5.26 14.19
CA GLY A 403 14.29 4.23 13.53
C GLY A 403 15.18 3.20 12.84
N VAL A 404 15.14 1.97 13.33
CA VAL A 404 15.87 0.90 12.68
C VAL A 404 15.12 0.30 11.49
N ALA A 405 13.83 -0.02 11.71
CA ALA A 405 13.06 -0.70 10.69
C ALA A 405 11.60 -0.60 11.00
N TYR A 406 10.81 -0.71 9.94
CA TYR A 406 9.34 -0.77 10.03
C TYR A 406 8.85 -2.02 9.30
N ILE A 407 8.08 -2.84 10.02
CA ILE A 407 7.43 -4.02 9.41
C ILE A 407 5.93 -3.73 9.44
N ASN A 408 5.31 -3.76 8.24
CA ASN A 408 3.87 -3.51 8.15
C ASN A 408 3.06 -4.77 8.51
N ALA A 409 1.77 -4.56 8.77
CA ALA A 409 0.92 -5.71 9.17
C ALA A 409 -0.53 -5.43 8.83
N ASP A 410 -0.79 -5.17 7.54
CA ASP A 410 -2.18 -5.20 7.03
C ASP A 410 -2.55 -6.65 6.75
N SER A 411 -3.53 -6.86 5.88
CA SER A 411 -4.09 -8.22 5.59
C SER A 411 -3.04 -9.33 5.57
N SER A 412 -3.26 -10.36 6.41
CA SER A 412 -2.32 -11.48 6.44
C SER A 412 -2.50 -12.41 5.27
N ILE A 413 -3.66 -12.37 4.61
CA ILE A 413 -3.97 -13.26 3.51
C ILE A 413 -4.63 -12.49 2.34
N GLU A 414 -4.28 -12.81 1.12
CA GLU A 414 -5.05 -12.36 -0.02
C GLU A 414 -5.28 -13.56 -0.94
N GLY A 415 -4.93 -14.71 -0.40
CA GLY A 415 -5.02 -15.98 -1.11
C GLY A 415 -4.40 -17.04 -0.21
N ASN A 416 -4.29 -18.27 -0.72
CA ASN A 416 -3.77 -19.36 0.10
C ASN A 416 -2.73 -20.17 -0.66
N TYR A 417 -2.06 -19.53 -1.63
CA TYR A 417 -1.15 -20.26 -2.52
C TYR A 417 0.29 -20.24 -2.00
N THR A 418 0.85 -19.05 -1.78
CA THR A 418 2.23 -19.01 -1.30
C THR A 418 2.51 -17.69 -0.56
N LEU A 419 3.73 -17.58 -0.06
CA LEU A 419 4.16 -16.31 0.60
C LEU A 419 4.39 -15.20 -0.42
N ARG A 420 4.13 -13.96 0.04
CA ARG A 420 4.51 -12.73 -0.73
C ARG A 420 5.34 -11.89 0.22
N VAL A 421 6.50 -11.42 -0.24
CA VAL A 421 7.27 -10.45 0.59
C VAL A 421 7.63 -9.30 -0.35
N ASP A 422 7.42 -8.05 0.12
CA ASP A 422 7.96 -6.85 -0.56
C ASP A 422 8.79 -6.12 0.47
N CYS A 423 10.03 -5.75 0.14
CA CYS A 423 10.84 -5.09 1.16
C CYS A 423 12.06 -4.43 0.58
N THR A 424 12.73 -3.62 1.39
CA THR A 424 14.02 -3.08 0.98
C THR A 424 15.07 -4.20 0.72
N PRO A 425 15.97 -4.02 -0.25
CA PRO A 425 17.06 -5.00 -0.43
C PRO A 425 17.81 -5.26 0.90
N LEU A 426 17.86 -4.29 1.83
CA LEU A 426 18.59 -4.51 3.07
C LEU A 426 18.04 -5.68 3.90
N MET A 427 16.79 -6.07 3.64
CA MET A 427 16.20 -7.20 4.36
C MET A 427 16.14 -8.50 3.61
N TYR A 428 16.66 -8.57 2.39
CA TYR A 428 16.58 -9.84 1.61
C TYR A 428 17.23 -11.01 2.35
N SER A 429 18.43 -10.79 2.89
CA SER A 429 19.15 -11.91 3.54
C SER A 429 18.43 -12.37 4.80
N LEU A 430 17.96 -11.40 5.59
CA LEU A 430 17.14 -11.67 6.77
C LEU A 430 15.95 -12.58 6.39
N VAL A 431 15.23 -12.21 5.33
CA VAL A 431 14.02 -12.96 4.93
C VAL A 431 14.40 -14.37 4.44
N HIS A 432 15.44 -14.48 3.61
CA HIS A 432 15.85 -15.83 3.13
C HIS A 432 16.21 -16.68 4.34
N ASN A 433 16.99 -16.13 5.28
CA ASN A 433 17.44 -16.93 6.45
C ASN A 433 16.31 -17.32 7.35
N LEU A 434 15.35 -16.41 7.58
CA LEU A 434 14.26 -16.74 8.49
C LEU A 434 13.36 -17.79 7.89
N THR A 435 13.04 -17.64 6.60
CA THR A 435 12.07 -18.56 5.96
C THR A 435 12.68 -19.96 5.80
N LYS A 436 14.01 -20.05 5.78
CA LYS A 436 14.64 -21.41 5.83
C LYS A 436 14.46 -22.13 7.17
N GLU A 437 14.16 -21.40 8.23
N GLU A 437 14.13 -21.40 8.23
CA GLU A 437 13.98 -21.97 9.59
CA GLU A 437 13.97 -21.97 9.57
C GLU A 437 12.51 -22.27 9.92
C GLU A 437 12.52 -22.04 10.04
N LEU A 438 11.59 -21.74 9.13
CA LEU A 438 10.16 -21.89 9.37
C LEU A 438 9.60 -23.10 8.59
N LYS A 439 8.58 -23.73 9.14
CA LYS A 439 7.90 -24.86 8.46
C LYS A 439 6.95 -24.37 7.39
N SER A 440 6.91 -25.02 6.23
CA SER A 440 5.87 -24.69 5.24
C SER A 440 4.48 -25.16 5.68
N PRO A 441 3.43 -24.34 5.51
CA PRO A 441 2.08 -24.78 5.87
C PRO A 441 1.39 -25.42 4.66
N ASP A 442 2.07 -25.50 3.52
CA ASP A 442 1.42 -25.84 2.26
C ASP A 442 1.25 -27.37 2.15
N GLU A 443 0.12 -27.74 1.58
CA GLU A 443 -0.14 -29.15 1.20
C GLU A 443 0.94 -29.62 0.23
N GLY A 444 1.50 -30.80 0.48
CA GLY A 444 2.57 -31.32 -0.36
C GLY A 444 3.98 -30.93 0.08
N PHE A 445 4.09 -30.00 1.03
CA PHE A 445 5.40 -29.57 1.54
C PHE A 445 5.51 -29.85 3.03
N GLU A 446 4.78 -30.86 3.50
CA GLU A 446 4.87 -31.26 4.91
C GLU A 446 6.32 -31.63 5.22
N GLY A 447 6.86 -31.07 6.30
CA GLY A 447 8.26 -31.36 6.66
C GLY A 447 9.32 -30.56 5.88
N LYS A 448 8.89 -29.69 4.98
CA LYS A 448 9.82 -28.83 4.24
C LYS A 448 9.72 -27.40 4.79
N SER A 449 10.76 -26.62 4.50
CA SER A 449 10.81 -25.20 4.93
C SER A 449 9.85 -24.36 4.11
N LEU A 450 9.46 -23.23 4.73
CA LEU A 450 8.71 -22.20 4.03
C LEU A 450 9.56 -21.65 2.85
N TYR A 451 10.88 -21.51 3.04
CA TYR A 451 11.75 -21.12 1.94
C TYR A 451 11.61 -22.04 0.71
N GLU A 452 11.62 -23.36 0.96
CA GLU A 452 11.46 -24.31 -0.14
C GLU A 452 10.12 -24.17 -0.89
N SER A 453 9.01 -24.09 -0.15
CA SER A 453 7.69 -24.00 -0.82
C SER A 453 7.54 -22.68 -1.56
N TRP A 454 7.98 -21.61 -0.91
CA TRP A 454 7.91 -20.28 -1.50
C TRP A 454 8.77 -20.17 -2.79
N THR A 455 10.02 -20.65 -2.74
CA THR A 455 10.90 -20.59 -3.91
C THR A 455 10.33 -21.43 -5.08
N LYS A 456 9.79 -22.60 -4.74
CA LYS A 456 9.17 -23.47 -5.74
C LYS A 456 7.95 -22.79 -6.41
N LYS A 457 7.04 -22.21 -5.62
CA LYS A 457 5.81 -21.58 -6.16
C LYS A 457 5.94 -20.18 -6.73
N SER A 458 6.96 -19.45 -6.28
CA SER A 458 7.18 -18.06 -6.69
C SER A 458 8.65 -17.80 -7.01
N PRO A 459 9.17 -18.45 -8.07
CA PRO A 459 10.60 -18.31 -8.36
C PRO A 459 11.00 -16.90 -8.73
N SER A 460 12.19 -16.50 -8.30
CA SER A 460 12.78 -15.25 -8.74
C SER A 460 12.91 -15.26 -10.27
N PRO A 461 12.49 -14.16 -10.95
CA PRO A 461 12.75 -14.06 -12.40
C PRO A 461 14.26 -13.94 -12.75
N GLU A 462 15.08 -13.56 -11.76
N GLU A 462 15.07 -13.51 -11.78
CA GLU A 462 16.50 -13.27 -11.95
CA GLU A 462 16.51 -13.31 -11.99
C GLU A 462 17.45 -14.42 -11.56
C GLU A 462 17.39 -14.52 -11.63
N PHE A 463 17.17 -15.11 -10.46
CA PHE A 463 18.09 -16.13 -9.91
C PHE A 463 17.46 -17.48 -9.62
N SER A 464 18.13 -18.53 -10.08
CA SER A 464 17.72 -19.90 -9.80
C SER A 464 17.85 -20.19 -8.31
N GLY A 465 16.85 -20.87 -7.77
CA GLY A 465 16.91 -21.38 -6.40
C GLY A 465 16.61 -20.31 -5.35
N MET A 466 16.20 -19.12 -5.82
N MET A 466 16.15 -19.14 -5.80
CA MET A 466 15.78 -17.97 -4.97
CA MET A 466 15.75 -18.05 -4.90
C MET A 466 14.28 -17.66 -5.18
C MET A 466 14.31 -17.62 -5.19
N PRO A 467 13.60 -17.12 -4.16
CA PRO A 467 12.20 -16.71 -4.35
C PRO A 467 12.06 -15.25 -4.87
N ARG A 468 10.88 -14.91 -5.40
CA ARG A 468 10.61 -13.53 -5.79
C ARG A 468 10.42 -12.65 -4.54
N ILE A 469 11.14 -11.53 -4.46
CA ILE A 469 10.77 -10.47 -3.50
C ILE A 469 10.61 -9.19 -4.29
N SER A 470 9.46 -8.56 -4.14
CA SER A 470 9.12 -7.32 -4.88
C SER A 470 9.61 -6.07 -4.19
N LYS A 471 9.62 -5.01 -4.99
N LYS A 471 9.77 -4.99 -4.94
CA LYS A 471 9.84 -3.65 -4.51
CA LYS A 471 10.06 -3.70 -4.32
C LYS A 471 8.66 -3.30 -3.61
C LYS A 471 8.75 -3.22 -3.70
N LEU A 472 8.89 -2.41 -2.65
CA LEU A 472 7.76 -1.77 -1.95
C LEU A 472 7.19 -0.76 -2.88
N GLY A 473 5.87 -0.80 -2.98
CA GLY A 473 5.14 0.21 -3.73
C GLY A 473 4.54 1.15 -2.73
N SER A 474 3.22 1.27 -2.74
CA SER A 474 2.56 2.13 -1.71
C SER A 474 1.12 1.71 -1.59
N GLY A 475 0.25 2.58 -1.06
CA GLY A 475 -1.11 2.11 -0.74
C GLY A 475 -1.13 1.39 0.59
N ASN A 476 -0.09 1.55 1.43
CA ASN A 476 -0.17 1.01 2.78
C ASN A 476 0.71 1.79 3.74
N ASP A 477 0.67 1.43 5.04
CA ASP A 477 1.12 2.39 6.08
C ASP A 477 2.63 2.47 6.21
N PHE A 478 3.38 1.63 5.49
CA PHE A 478 4.83 1.86 5.44
C PHE A 478 5.25 3.08 4.63
N GLU A 479 4.34 3.74 3.89
CA GLU A 479 4.78 4.78 2.92
C GLU A 479 5.52 5.91 3.63
N VAL A 480 4.98 6.42 4.74
CA VAL A 480 5.69 7.52 5.39
C VAL A 480 7.07 7.12 5.91
N PHE A 481 7.14 5.90 6.47
CA PHE A 481 8.41 5.47 7.05
C PHE A 481 9.47 5.24 5.99
N PHE A 482 9.07 4.65 4.86
CA PHE A 482 10.07 4.29 3.84
C PHE A 482 10.30 5.46 2.87
N GLN A 483 9.25 5.88 2.13
CA GLN A 483 9.52 6.89 1.09
C GLN A 483 9.67 8.34 1.61
N ARG A 484 9.12 8.69 2.76
CA ARG A 484 9.41 10.03 3.33
C ARG A 484 10.62 10.05 4.22
N LEU A 485 10.67 9.10 5.18
CA LEU A 485 11.71 9.19 6.20
C LEU A 485 12.96 8.29 5.94
N GLY A 486 12.88 7.34 5.01
CA GLY A 486 14.03 6.46 4.71
C GLY A 486 14.39 5.46 5.79
N ILE A 487 13.37 4.85 6.41
CA ILE A 487 13.60 3.79 7.41
C ILE A 487 13.36 2.47 6.64
N ALA A 488 14.32 1.55 6.75
CA ALA A 488 14.22 0.20 6.11
C ALA A 488 12.87 -0.40 6.45
N SER A 489 12.11 -0.83 5.42
CA SER A 489 10.74 -1.30 5.68
C SER A 489 10.50 -2.63 4.94
N GLY A 490 9.52 -3.38 5.43
CA GLY A 490 9.13 -4.66 4.75
C GLY A 490 7.66 -5.02 5.07
N ARG A 491 7.13 -5.94 4.24
CA ARG A 491 5.78 -6.47 4.46
C ARG A 491 5.78 -7.93 3.97
N ALA A 492 4.84 -8.74 4.51
CA ALA A 492 4.71 -10.16 4.11
C ALA A 492 3.27 -10.58 4.34
N ARG A 493 2.76 -11.43 3.44
CA ARG A 493 1.40 -11.99 3.60
C ARG A 493 1.32 -13.23 2.72
N TYR A 494 0.28 -14.03 2.95
CA TYR A 494 -0.01 -15.12 2.03
C TYR A 494 -0.80 -14.59 0.86
N THR A 495 -0.55 -15.13 -0.33
CA THR A 495 -1.07 -14.55 -1.58
C THR A 495 -1.60 -15.61 -2.56
N LYS A 496 -2.17 -15.14 -3.67
CA LYS A 496 -2.69 -15.96 -4.80
C LYS A 496 -1.57 -16.29 -5.81
N ASN A 497 -1.88 -17.12 -6.82
CA ASN A 497 -0.92 -17.51 -7.86
C ASN A 497 -0.58 -16.39 -8.85
N ASN A 501 -2.34 -9.22 -11.89
CA ASN A 501 -3.57 -9.09 -11.10
C ASN A 501 -3.38 -8.72 -9.61
N LYS A 502 -2.13 -8.69 -9.12
CA LYS A 502 -1.87 -8.37 -7.70
C LYS A 502 -2.36 -6.97 -7.23
N PHE A 503 -2.58 -6.04 -8.15
CA PHE A 503 -3.03 -4.69 -7.72
C PHE A 503 -4.55 -4.52 -7.75
N SER A 504 -5.29 -5.51 -8.20
CA SER A 504 -6.77 -5.34 -8.28
C SER A 504 -7.47 -5.69 -6.98
N GLY A 505 -6.80 -6.41 -6.07
CA GLY A 505 -7.50 -6.88 -4.87
C GLY A 505 -8.16 -8.24 -5.14
N TYR A 506 -8.42 -8.98 -4.08
CA TYR A 506 -9.14 -10.27 -4.11
C TYR A 506 -10.63 -9.92 -4.37
N PRO A 507 -11.45 -10.90 -4.73
CA PRO A 507 -12.79 -10.53 -5.21
C PRO A 507 -13.66 -9.73 -4.25
N LEU A 508 -13.59 -10.01 -2.95
CA LEU A 508 -14.50 -9.34 -1.98
C LEU A 508 -13.84 -8.14 -1.28
N TYR A 509 -12.70 -7.74 -1.83
CA TYR A 509 -11.99 -6.53 -1.32
C TYR A 509 -12.91 -5.33 -1.13
N HIS A 510 -12.92 -4.76 0.11
CA HIS A 510 -13.63 -3.51 0.47
C HIS A 510 -15.16 -3.58 0.28
N SER A 511 -15.64 -4.82 0.27
CA SER A 511 -17.10 -5.04 0.23
C SER A 511 -17.65 -5.53 1.62
N VAL A 512 -18.98 -5.42 1.74
CA VAL A 512 -19.69 -5.89 2.95
C VAL A 512 -19.47 -7.40 3.16
N TYR A 513 -19.11 -8.10 2.08
CA TYR A 513 -18.97 -9.59 2.14
C TYR A 513 -17.65 -10.05 2.76
N GLU A 514 -16.72 -9.12 3.02
CA GLU A 514 -15.48 -9.48 3.65
C GLU A 514 -15.62 -9.65 5.15
N THR A 515 -15.95 -10.89 5.59
CA THR A 515 -16.38 -11.16 6.93
C THR A 515 -15.50 -12.26 7.54
N TYR A 516 -15.67 -12.49 8.84
CA TYR A 516 -15.03 -13.61 9.50
C TYR A 516 -15.35 -14.94 8.75
N GLU A 517 -16.60 -15.11 8.33
CA GLU A 517 -16.95 -16.38 7.68
C GLU A 517 -16.26 -16.60 6.37
N LEU A 518 -16.02 -15.50 5.64
CA LEU A 518 -15.24 -15.61 4.44
C LEU A 518 -13.89 -16.26 4.72
N VAL A 519 -13.20 -15.77 5.76
CA VAL A 519 -11.88 -16.29 6.09
C VAL A 519 -11.92 -17.75 6.61
N GLU A 520 -12.79 -17.98 7.59
CA GLU A 520 -12.89 -19.29 8.28
C GLU A 520 -13.40 -20.39 7.33
N LYS A 521 -14.29 -20.04 6.42
CA LYS A 521 -14.82 -21.06 5.49
C LYS A 521 -13.97 -21.28 4.25
N PHE A 522 -13.40 -20.21 3.66
CA PHE A 522 -12.89 -20.27 2.32
C PHE A 522 -11.41 -19.96 2.16
N TYR A 523 -10.83 -19.17 3.07
CA TYR A 523 -9.40 -18.86 2.92
C TYR A 523 -8.49 -19.70 3.77
N ASP A 524 -8.79 -19.81 5.07
CA ASP A 524 -7.84 -20.39 6.01
C ASP A 524 -8.48 -21.05 7.20
N PRO A 525 -9.24 -22.17 6.96
CA PRO A 525 -10.00 -22.80 8.02
C PRO A 525 -9.23 -23.18 9.28
N MET A 526 -7.97 -23.58 9.12
N MET A 526 -7.97 -23.59 9.10
CA MET A 526 -7.13 -24.01 10.24
CA MET A 526 -7.10 -24.02 10.21
C MET A 526 -6.21 -22.89 10.74
C MET A 526 -6.33 -22.85 10.84
N PHE A 527 -6.34 -21.71 10.14
CA PHE A 527 -5.53 -20.54 10.56
C PHE A 527 -4.03 -20.79 10.49
N LYS A 528 -3.66 -21.78 9.65
CA LYS A 528 -2.27 -22.09 9.47
C LYS A 528 -1.52 -21.05 8.63
N TYR A 529 -2.20 -20.43 7.66
CA TYR A 529 -1.52 -19.40 6.84
C TYR A 529 -1.35 -18.16 7.71
N HIS A 530 -2.37 -17.81 8.50
CA HIS A 530 -2.23 -16.73 9.54
C HIS A 530 -1.05 -16.99 10.49
N LEU A 531 -0.91 -18.23 10.98
CA LEU A 531 0.21 -18.54 11.85
C LEU A 531 1.55 -18.38 11.15
N THR A 532 1.65 -18.84 9.91
CA THR A 532 2.90 -18.70 9.13
C THR A 532 3.23 -17.21 8.95
N VAL A 533 2.23 -16.42 8.62
CA VAL A 533 2.48 -14.93 8.48
C VAL A 533 2.88 -14.33 9.81
N ALA A 534 2.28 -14.75 10.93
CA ALA A 534 2.71 -14.29 12.27
C ALA A 534 4.17 -14.64 12.54
N GLN A 535 4.57 -15.86 12.13
CA GLN A 535 5.97 -16.26 12.29
C GLN A 535 6.95 -15.43 11.46
N VAL A 536 6.56 -15.12 10.22
CA VAL A 536 7.41 -14.27 9.35
C VAL A 536 7.51 -12.83 9.90
N ARG A 537 6.37 -12.21 10.16
CA ARG A 537 6.40 -10.78 10.63
C ARG A 537 7.05 -10.72 12.01
N GLY A 538 6.63 -11.61 12.92
CA GLY A 538 7.19 -11.66 14.26
C GLY A 538 8.66 -12.02 14.32
N GLY A 539 9.06 -12.99 13.48
CA GLY A 539 10.47 -13.42 13.39
C GLY A 539 11.34 -12.30 12.86
N MET A 540 10.82 -11.56 11.86
CA MET A 540 11.58 -10.38 11.37
C MET A 540 11.80 -9.34 12.46
N VAL A 541 10.72 -9.00 13.20
CA VAL A 541 10.79 -8.06 14.32
C VAL A 541 11.76 -8.56 15.37
N PHE A 542 11.66 -9.86 15.72
CA PHE A 542 12.57 -10.42 16.69
C PHE A 542 14.02 -10.25 16.32
N GLU A 543 14.39 -10.63 15.11
CA GLU A 543 15.79 -10.50 14.65
C GLU A 543 16.24 -9.03 14.62
N LEU A 544 15.39 -8.15 14.08
CA LEU A 544 15.76 -6.74 14.00
C LEU A 544 15.96 -6.13 15.37
N ALA A 545 15.15 -6.56 16.34
CA ALA A 545 15.24 -6.00 17.69
C ALA A 545 16.29 -6.71 18.57
N ASN A 546 16.75 -7.90 18.17
CA ASN A 546 17.66 -8.67 19.07
C ASN A 546 19.00 -9.01 18.59
N SER A 547 19.21 -9.04 17.28
CA SER A 547 20.53 -9.38 16.72
C SER A 547 21.56 -8.37 17.16
N ILE A 548 22.74 -8.86 17.57
CA ILE A 548 23.78 -7.92 18.00
C ILE A 548 24.17 -6.94 16.88
N VAL A 549 24.49 -7.50 15.73
CA VAL A 549 24.73 -6.69 14.53
C VAL A 549 23.36 -6.63 13.82
N LEU A 550 22.95 -5.44 13.37
CA LEU A 550 21.66 -5.36 12.63
C LEU A 550 21.69 -6.29 11.42
N PRO A 551 20.55 -6.98 11.16
CA PRO A 551 20.53 -8.05 10.12
C PRO A 551 20.22 -7.45 8.73
N PHE A 552 21.05 -6.48 8.31
CA PHE A 552 20.96 -5.86 6.97
C PHE A 552 22.22 -6.21 6.18
N ASP A 553 22.06 -6.55 4.90
CA ASP A 553 23.24 -6.78 4.06
C ASP A 553 23.31 -5.71 2.96
N CYS A 554 24.23 -4.75 3.15
CA CYS A 554 24.38 -3.69 2.15
C CYS A 554 24.74 -4.20 0.76
N ARG A 555 25.38 -5.37 0.61
CA ARG A 555 25.73 -5.85 -0.71
C ARG A 555 24.49 -6.17 -1.58
N ASP A 556 23.38 -6.50 -0.92
CA ASP A 556 22.15 -6.76 -1.67
C ASP A 556 21.63 -5.46 -2.32
N TYR A 557 21.88 -4.31 -1.70
CA TYR A 557 21.48 -3.05 -2.34
C TYR A 557 22.34 -2.83 -3.56
N ALA A 558 23.65 -3.16 -3.47
CA ALA A 558 24.53 -2.98 -4.62
C ALA A 558 24.03 -3.78 -5.87
N VAL A 559 23.62 -5.03 -5.68
CA VAL A 559 23.12 -5.83 -6.79
C VAL A 559 21.89 -5.20 -7.45
N VAL A 560 20.93 -4.75 -6.64
CA VAL A 560 19.71 -4.21 -7.20
C VAL A 560 19.96 -2.86 -7.87
N LEU A 561 20.88 -2.07 -7.30
CA LEU A 561 21.17 -0.73 -7.92
C LEU A 561 21.69 -0.92 -9.33
N ARG A 562 22.49 -1.98 -9.56
CA ARG A 562 22.96 -2.24 -10.90
C ARG A 562 21.84 -2.69 -11.86
N LYS A 563 20.95 -3.56 -11.37
CA LYS A 563 19.76 -3.93 -12.12
C LYS A 563 18.92 -2.69 -12.51
N TYR A 564 18.70 -1.78 -11.55
CA TYR A 564 17.85 -0.61 -11.87
C TYR A 564 18.57 0.34 -12.79
N ALA A 565 19.89 0.47 -12.64
CA ALA A 565 20.65 1.33 -13.57
C ALA A 565 20.57 0.79 -15.02
N ASP A 566 20.77 -0.52 -15.18
CA ASP A 566 20.61 -1.13 -16.50
C ASP A 566 19.20 -0.88 -17.08
N LYS A 567 18.18 -0.98 -16.23
CA LYS A 567 16.82 -0.83 -16.65
C LYS A 567 16.57 0.60 -17.15
N ILE A 568 17.00 1.58 -16.36
CA ILE A 568 16.69 2.96 -16.77
C ILE A 568 17.53 3.39 -18.00
N TYR A 569 18.78 2.89 -18.08
CA TYR A 569 19.58 3.11 -19.28
C TYR A 569 18.86 2.53 -20.52
N SER A 570 18.32 1.32 -20.39
N SER A 570 18.30 1.31 -20.40
CA SER A 570 17.63 0.68 -21.52
CA SER A 570 17.61 0.65 -21.52
C SER A 570 16.43 1.48 -22.00
C SER A 570 16.35 1.37 -21.99
N ILE A 571 15.69 2.08 -21.07
CA ILE A 571 14.57 2.95 -21.44
C ILE A 571 15.07 4.15 -22.27
N SER A 572 16.14 4.79 -21.80
CA SER A 572 16.67 5.98 -22.48
C SER A 572 17.17 5.60 -23.88
N MET A 573 17.79 4.42 -23.99
CA MET A 573 18.37 3.95 -25.26
C MET A 573 17.37 3.63 -26.37
N LYS A 574 16.07 3.74 -26.07
CA LYS A 574 15.04 3.77 -27.12
C LYS A 574 15.08 5.08 -27.95
N HIS A 575 15.86 6.08 -27.49
CA HIS A 575 15.94 7.42 -28.11
C HIS A 575 17.41 7.78 -28.41
N PRO A 576 18.09 6.95 -29.25
CA PRO A 576 19.55 7.15 -29.46
C PRO A 576 19.87 8.46 -30.10
N GLN A 577 19.03 8.95 -31.03
CA GLN A 577 19.33 10.23 -31.68
C GLN A 577 19.33 11.37 -30.65
N GLU A 578 18.35 11.36 -29.76
CA GLU A 578 18.31 12.42 -28.77
C GLU A 578 19.45 12.34 -27.76
N MET A 579 19.85 11.11 -27.40
CA MET A 579 20.96 10.96 -26.48
C MET A 579 22.26 11.51 -27.10
N LYS A 580 22.39 11.36 -28.43
CA LYS A 580 23.53 11.98 -29.17
C LYS A 580 23.43 13.53 -29.18
N THR A 581 22.27 14.05 -29.59
CA THR A 581 22.07 15.51 -29.70
C THR A 581 22.29 16.26 -28.40
N TYR A 582 21.77 15.71 -27.31
CA TYR A 582 21.82 16.39 -26.02
C TYR A 582 22.90 15.85 -25.08
N SER A 583 23.78 14.95 -25.58
CA SER A 583 24.92 14.41 -24.81
C SER A 583 24.45 13.81 -23.50
N VAL A 584 23.48 12.91 -23.58
CA VAL A 584 22.87 12.31 -22.37
C VAL A 584 23.69 11.07 -22.04
N SER A 585 24.45 11.16 -20.95
CA SER A 585 25.29 10.00 -20.51
C SER A 585 24.84 9.46 -19.18
N PHE A 586 24.81 8.15 -19.07
CA PHE A 586 24.58 7.45 -17.78
C PHE A 586 25.90 7.08 -17.09
N ASP A 587 27.05 7.56 -17.60
CA ASP A 587 28.32 7.10 -17.08
C ASP A 587 28.46 7.39 -15.58
N SER A 588 27.98 8.56 -15.15
CA SER A 588 28.09 8.93 -13.75
C SER A 588 27.28 8.00 -12.85
N LEU A 589 26.10 7.59 -13.30
CA LEU A 589 25.29 6.67 -12.50
C LEU A 589 25.94 5.27 -12.39
N PHE A 590 26.45 4.76 -13.51
CA PHE A 590 27.15 3.47 -13.42
C PHE A 590 28.40 3.56 -12.56
N SER A 591 29.12 4.69 -12.64
CA SER A 591 30.27 4.89 -11.78
C SER A 591 29.90 4.86 -10.30
N ALA A 592 28.83 5.58 -9.94
CA ALA A 592 28.40 5.57 -8.55
C ALA A 592 27.99 4.16 -8.06
N VAL A 593 27.31 3.42 -8.94
CA VAL A 593 26.86 2.04 -8.61
C VAL A 593 28.08 1.12 -8.44
N LYS A 594 29.06 1.27 -9.35
CA LYS A 594 30.34 0.52 -9.19
C LYS A 594 31.03 0.87 -7.86
N ASN A 595 31.08 2.17 -7.50
CA ASN A 595 31.69 2.56 -6.26
C ASN A 595 30.93 2.03 -5.04
N PHE A 596 29.59 2.06 -5.10
CA PHE A 596 28.77 1.53 -4.03
C PHE A 596 29.08 0.03 -3.84
N THR A 597 29.19 -0.68 -4.94
CA THR A 597 29.48 -2.15 -4.92
C THR A 597 30.81 -2.39 -4.19
N GLU A 598 31.84 -1.61 -4.58
CA GLU A 598 33.19 -1.78 -3.98
C GLU A 598 33.21 -1.42 -2.52
N ILE A 599 32.60 -0.27 -2.17
CA ILE A 599 32.60 0.15 -0.79
C ILE A 599 31.78 -0.76 0.13
N ALA A 600 30.64 -1.25 -0.36
CA ALA A 600 29.78 -2.16 0.42
C ALA A 600 30.54 -3.48 0.67
N SER A 601 31.29 -3.93 -0.34
CA SER A 601 32.11 -5.20 -0.17
C SER A 601 33.12 -5.00 0.95
N LYS A 602 33.81 -3.85 0.96
CA LYS A 602 34.81 -3.58 2.01
C LYS A 602 34.18 -3.39 3.39
N PHE A 603 33.01 -2.72 3.45
CA PHE A 603 32.30 -2.60 4.71
C PHE A 603 31.89 -3.96 5.27
N SER A 604 31.41 -4.84 4.39
CA SER A 604 31.00 -6.18 4.80
C SER A 604 32.18 -6.96 5.41
N GLU A 605 33.36 -6.81 4.81
CA GLU A 605 34.57 -7.47 5.38
C GLU A 605 34.86 -6.94 6.78
N ARG A 606 34.77 -5.61 6.97
CA ARG A 606 35.02 -5.06 8.31
C ARG A 606 33.99 -5.50 9.31
N LEU A 607 32.74 -5.61 8.87
CA LEU A 607 31.67 -6.02 9.75
C LEU A 607 31.87 -7.45 10.26
N GLN A 608 32.47 -8.25 9.40
CA GLN A 608 32.74 -9.64 9.77
C GLN A 608 33.92 -9.74 10.68
N ASP A 609 34.90 -8.85 10.48
CA ASP A 609 36.26 -8.82 11.06
C ASP A 609 36.54 -7.94 12.28
N PHE A 610 35.67 -6.95 12.50
N PHE A 610 35.52 -7.30 12.89
CA PHE A 610 35.94 -5.91 13.49
CA PHE A 610 35.66 -6.64 14.25
C PHE A 610 36.03 -6.61 14.82
C PHE A 610 35.09 -7.47 15.38
N ASP A 611 36.63 -5.93 15.76
N ASP A 611 35.26 -7.07 16.64
CA ASP A 611 36.86 -6.47 17.09
CA ASP A 611 34.41 -7.74 17.62
C ASP A 611 35.49 -6.55 17.76
C ASP A 611 33.56 -6.93 18.62
N LYS A 612 35.06 -7.74 18.05
N LYS A 612 32.44 -7.56 18.88
CA LYS A 612 33.68 -8.04 18.42
CA LYS A 612 31.34 -6.91 19.51
C LYS A 612 33.50 -7.74 19.89
C LYS A 612 32.03 -6.42 20.79
N SER A 613 34.63 -7.53 20.62
N SER A 613 31.68 -6.96 21.94
CA SER A 613 34.56 -7.02 21.98
CA SER A 613 32.14 -6.52 23.24
C SER A 613 34.26 -5.50 22.08
C SER A 613 32.62 -5.16 23.50
N ASN A 614 34.29 -4.75 20.97
N ASN A 614 32.91 -4.39 22.45
CA ASN A 614 34.22 -3.27 21.02
CA ASN A 614 33.30 -3.02 22.63
C ASN A 614 32.84 -2.75 20.67
C ASN A 614 32.05 -2.18 22.33
N PRO A 615 32.06 -2.37 21.69
N PRO A 615 31.31 -1.75 23.38
CA PRO A 615 30.68 -1.99 21.46
CA PRO A 615 30.01 -1.12 23.07
C PRO A 615 30.55 -0.66 20.72
C PRO A 615 30.02 0.06 22.09
N ILE A 616 31.57 0.19 20.74
N ILE A 616 31.03 0.92 22.12
CA ILE A 616 31.52 1.44 19.97
CA ILE A 616 30.99 2.09 21.22
C ILE A 616 31.75 1.21 18.49
C ILE A 616 31.36 1.72 19.80
N VAL A 617 32.73 0.37 18.13
N VAL A 617 32.30 0.79 19.63
CA VAL A 617 32.86 -0.05 16.73
CA VAL A 617 32.61 0.28 18.29
C VAL A 617 31.58 -0.75 16.27
C VAL A 617 31.39 -0.39 17.66
N LEU A 618 31.04 -1.65 17.10
N LEU A 618 30.66 -1.20 18.44
CA LEU A 618 29.77 -2.31 16.77
CA LEU A 618 29.43 -1.85 17.97
C LEU A 618 28.66 -1.26 16.49
C LEU A 618 28.38 -0.80 17.63
N ARG A 619 28.46 -0.29 17.41
N ARG A 619 28.28 0.21 18.47
CA ARG A 619 27.33 0.65 17.30
CA ARG A 619 27.40 1.33 18.11
C ARG A 619 27.66 1.58 16.22
C ARG A 619 27.64 1.99 16.72
N MET A 620 28.90 2.12 16.23
CA MET A 620 29.29 2.81 14.96
C MET A 620 28.90 2.05 13.71
N MET A 621 29.20 0.72 13.66
CA MET A 621 28.86 -0.02 12.47
C MET A 621 27.30 -0.25 12.38
N ASN A 622 26.62 -0.43 13.52
CA ASN A 622 25.13 -0.56 13.52
C ASN A 622 24.53 0.78 13.03
N ASP A 623 25.12 1.89 13.41
CA ASP A 623 24.60 3.22 12.90
C ASP A 623 24.83 3.32 11.41
N GLN A 624 25.98 2.84 10.89
CA GLN A 624 26.18 2.85 9.44
C GLN A 624 25.11 2.01 8.75
N LEU A 625 24.79 0.82 9.32
CA LEU A 625 23.71 -0.02 8.74
C LEU A 625 22.32 0.65 8.79
N MET A 626 22.03 1.31 9.93
CA MET A 626 20.69 1.92 10.13
C MET A 626 20.55 3.15 9.23
N PHE A 627 21.63 3.91 9.11
CA PHE A 627 21.53 5.15 8.29
C PHE A 627 21.74 4.94 6.80
N LEU A 628 21.96 3.70 6.34
CA LEU A 628 22.15 3.45 4.91
C LEU A 628 20.85 3.70 4.15
N GLU A 629 19.70 3.15 4.60
CA GLU A 629 18.45 3.45 3.91
C GLU A 629 18.23 4.99 3.99
N ARG A 630 18.60 5.60 5.08
CA ARG A 630 18.35 7.04 5.29
C ARG A 630 19.11 7.85 4.25
N ALA A 631 20.27 7.35 3.80
CA ALA A 631 21.10 8.09 2.85
C ALA A 631 20.46 8.22 1.51
N PHE A 632 19.46 7.41 1.17
CA PHE A 632 18.82 7.58 -0.13
C PHE A 632 17.76 8.65 -0.16
N ILE A 633 17.54 9.29 0.97
CA ILE A 633 16.57 10.43 1.03
C ILE A 633 17.19 11.72 0.50
N ASP A 634 16.45 12.44 -0.33
CA ASP A 634 16.82 13.79 -0.79
C ASP A 634 15.88 14.76 -0.10
N PRO A 635 16.42 15.69 0.72
CA PRO A 635 15.54 16.58 1.46
C PRO A 635 14.72 17.48 0.54
N LEU A 636 15.10 17.59 -0.74
CA LEU A 636 14.25 18.43 -1.63
C LEU A 636 13.06 17.68 -2.27
N GLY A 637 13.03 16.35 -2.09
CA GLY A 637 11.96 15.52 -2.62
C GLY A 637 12.06 15.31 -4.12
N LEU A 638 11.12 14.57 -4.66
CA LEU A 638 11.04 14.40 -6.10
C LEU A 638 10.20 15.51 -6.73
N PRO A 639 10.33 15.73 -8.07
CA PRO A 639 9.59 16.86 -8.63
C PRO A 639 8.07 16.89 -8.40
N ASP A 640 7.58 17.99 -7.80
CA ASP A 640 6.17 18.22 -7.45
C ASP A 640 5.59 17.19 -6.49
N ARG A 641 6.49 16.40 -5.88
CA ARG A 641 6.05 15.38 -4.85
C ARG A 641 7.02 15.45 -3.68
N PRO A 642 6.92 16.51 -2.87
CA PRO A 642 7.86 16.79 -1.80
C PRO A 642 7.91 15.73 -0.72
N PHE A 643 6.89 14.87 -0.59
CA PHE A 643 6.90 13.87 0.47
C PHE A 643 7.34 12.51 -0.06
N TYR A 644 7.69 12.43 -1.33
CA TYR A 644 8.41 11.25 -1.80
C TYR A 644 9.85 11.64 -1.95
N ARG A 645 10.64 11.24 -0.96
CA ARG A 645 12.02 11.74 -0.87
C ARG A 645 13.10 10.69 -1.17
N HIS A 646 12.71 9.41 -1.30
CA HIS A 646 13.71 8.37 -1.55
C HIS A 646 14.03 8.43 -3.06
N VAL A 647 15.33 8.43 -3.39
CA VAL A 647 15.75 8.62 -4.78
C VAL A 647 15.75 7.27 -5.53
N ILE A 648 15.78 6.16 -4.81
CA ILE A 648 15.80 4.87 -5.52
C ILE A 648 14.40 4.38 -5.78
N TYR A 649 13.47 4.62 -4.83
CA TYR A 649 12.09 4.04 -4.92
C TYR A 649 11.05 5.10 -4.69
N ALA A 650 10.04 5.18 -5.56
CA ALA A 650 8.84 5.97 -5.23
C ALA A 650 7.63 5.23 -5.72
N PRO A 651 6.43 5.52 -5.18
CA PRO A 651 5.25 4.96 -5.82
C PRO A 651 5.14 5.42 -7.23
N SER A 652 4.74 4.52 -8.14
CA SER A 652 4.57 4.92 -9.55
C SER A 652 3.63 6.10 -9.73
N SER A 653 4.00 7.08 -10.56
CA SER A 653 3.12 8.24 -10.84
C SER A 653 1.85 7.81 -11.62
N HIS A 654 1.86 6.57 -12.13
CA HIS A 654 0.71 5.98 -12.87
C HIS A 654 -0.09 4.99 -12.06
N ASN A 655 0.41 4.63 -10.87
CA ASN A 655 -0.25 3.58 -10.07
C ASN A 655 0.41 3.56 -8.71
N LYS A 656 -0.25 4.21 -7.73
CA LYS A 656 0.32 4.33 -6.39
C LYS A 656 0.70 3.00 -5.78
N TYR A 657 0.00 1.89 -6.16
CA TYR A 657 0.37 0.64 -5.51
C TYR A 657 1.70 0.08 -5.93
N ALA A 658 2.15 0.40 -7.15
CA ALA A 658 3.39 -0.18 -7.71
C ALA A 658 4.61 0.64 -7.33
N GLY A 659 5.74 -0.02 -7.10
CA GLY A 659 6.99 0.74 -6.91
C GLY A 659 7.63 1.03 -8.26
N GLU A 660 8.31 2.19 -8.35
CA GLU A 660 9.13 2.51 -9.50
C GLU A 660 10.56 2.75 -9.03
N SER A 661 11.53 2.22 -9.79
CA SER A 661 12.93 2.46 -9.44
C SER A 661 13.51 3.65 -10.22
N PHE A 662 14.49 4.34 -9.63
CA PHE A 662 15.00 5.62 -10.17
C PHE A 662 13.85 6.47 -10.69
N PRO A 663 12.87 6.75 -9.81
CA PRO A 663 11.63 7.36 -10.27
C PRO A 663 11.83 8.75 -10.86
N GLY A 664 12.81 9.51 -10.37
CA GLY A 664 13.03 10.86 -10.97
C GLY A 664 13.44 10.75 -12.43
N ILE A 665 14.34 9.83 -12.73
CA ILE A 665 14.75 9.64 -14.16
C ILE A 665 13.61 8.99 -14.93
N TYR A 666 12.91 8.03 -14.32
CA TYR A 666 11.83 7.36 -15.02
C TYR A 666 10.75 8.38 -15.47
N ASP A 667 10.30 9.24 -14.55
CA ASP A 667 9.28 10.21 -14.93
C ASP A 667 9.81 11.25 -15.92
N ALA A 668 11.10 11.61 -15.84
CA ALA A 668 11.65 12.54 -16.85
C ALA A 668 11.63 11.89 -18.27
N LEU A 669 11.81 10.57 -18.35
CA LEU A 669 11.81 9.88 -19.66
C LEU A 669 10.42 9.51 -20.17
N PHE A 670 9.43 9.44 -19.28
CA PHE A 670 8.14 8.90 -19.69
C PHE A 670 7.45 9.77 -20.75
N ASP A 671 7.07 9.12 -21.86
CA ASP A 671 6.36 9.80 -22.96
C ASP A 671 7.15 11.01 -23.47
N ILE A 672 8.49 10.94 -23.40
CA ILE A 672 9.30 12.11 -23.71
C ILE A 672 9.19 12.53 -25.19
N GLU A 673 8.96 11.54 -26.06
CA GLU A 673 8.79 11.80 -27.50
C GLU A 673 7.61 12.71 -27.82
N SER A 674 6.70 12.89 -26.85
CA SER A 674 5.55 13.78 -27.02
C SER A 674 5.79 15.20 -26.51
N LYS A 675 6.90 15.48 -25.81
CA LYS A 675 7.13 16.81 -25.26
C LYS A 675 7.43 17.81 -26.37
N VAL A 676 6.90 19.03 -26.27
CA VAL A 676 7.09 19.99 -27.42
C VAL A 676 8.49 20.62 -27.45
N ASP A 677 9.16 20.68 -26.29
CA ASP A 677 10.51 21.26 -26.20
C ASP A 677 11.52 20.17 -25.80
N PRO A 678 12.07 19.44 -26.78
CA PRO A 678 12.94 18.32 -26.44
C PRO A 678 14.23 18.71 -25.71
N SER A 679 14.79 19.89 -26.01
CA SER A 679 16.01 20.34 -25.31
C SER A 679 15.75 20.48 -23.80
N LYS A 680 14.59 21.06 -23.44
CA LYS A 680 14.22 21.19 -22.04
C LYS A 680 13.94 19.81 -21.40
N ALA A 681 13.24 18.94 -22.12
CA ALA A 681 12.88 17.63 -21.57
C ALA A 681 14.14 16.78 -21.36
N TRP A 682 15.06 16.77 -22.33
CA TRP A 682 16.29 15.97 -22.14
C TRP A 682 17.23 16.59 -21.14
N GLY A 683 17.19 17.92 -21.00
CA GLY A 683 17.92 18.60 -19.92
C GLY A 683 17.46 18.09 -18.55
N GLU A 684 16.16 17.90 -18.39
CA GLU A 684 15.64 17.39 -17.10
C GLU A 684 15.99 15.91 -16.88
N VAL A 685 16.05 15.12 -17.97
CA VAL A 685 16.61 13.74 -17.84
C VAL A 685 18.03 13.82 -17.28
N LYS A 686 18.87 14.68 -17.87
CA LYS A 686 20.26 14.80 -17.37
C LYS A 686 20.33 15.27 -15.92
N ARG A 687 19.46 16.21 -15.57
CA ARG A 687 19.44 16.65 -14.17
C ARG A 687 19.11 15.48 -13.23
N GLN A 688 18.16 14.63 -13.62
CA GLN A 688 17.76 13.51 -12.75
C GLN A 688 18.85 12.43 -12.71
N ILE A 689 19.60 12.28 -13.82
CA ILE A 689 20.76 11.36 -13.77
C ILE A 689 21.79 11.83 -12.77
N TYR A 690 22.09 13.13 -12.78
CA TYR A 690 23.03 13.77 -11.82
C TYR A 690 22.54 13.58 -10.37
N VAL A 691 21.26 13.83 -10.13
CA VAL A 691 20.77 13.67 -8.74
C VAL A 691 20.87 12.22 -8.28
N ALA A 692 20.54 11.28 -9.17
CA ALA A 692 20.62 9.85 -8.79
C ALA A 692 22.06 9.41 -8.60
N ALA A 693 22.97 9.80 -9.52
CA ALA A 693 24.39 9.44 -9.35
C ALA A 693 25.00 9.98 -8.05
N PHE A 694 24.68 11.25 -7.77
CA PHE A 694 25.17 11.85 -6.56
C PHE A 694 24.63 11.14 -5.33
N THR A 695 23.34 10.80 -5.34
CA THR A 695 22.74 10.19 -4.12
C THR A 695 23.32 8.79 -3.93
N VAL A 696 23.49 8.03 -5.03
CA VAL A 696 24.12 6.69 -4.84
C VAL A 696 25.54 6.81 -4.29
N GLN A 697 26.35 7.72 -4.86
CA GLN A 697 27.71 7.92 -4.32
C GLN A 697 27.72 8.38 -2.85
N ALA A 698 26.77 9.27 -2.50
CA ALA A 698 26.73 9.77 -1.15
C ALA A 698 26.30 8.68 -0.18
N ALA A 699 25.38 7.79 -0.59
CA ALA A 699 25.00 6.66 0.26
C ALA A 699 26.18 5.71 0.39
N ALA A 700 26.89 5.48 -0.74
CA ALA A 700 28.11 4.62 -0.64
C ALA A 700 29.09 5.15 0.40
N GLU A 701 29.31 6.47 0.40
CA GLU A 701 30.31 7.07 1.28
C GLU A 701 29.96 6.98 2.74
N THR A 702 28.68 6.76 3.07
CA THR A 702 28.31 6.54 4.47
C THR A 702 28.83 5.20 5.02
N LEU A 703 29.20 4.31 4.09
CA LEU A 703 29.79 2.99 4.43
C LEU A 703 31.30 2.99 4.42
N SER A 704 31.94 4.04 3.89
CA SER A 704 33.41 4.17 4.04
C SER A 704 33.87 4.25 5.51
N GLU A 705 35.17 3.99 5.78
CA GLU A 705 35.67 4.23 7.12
C GLU A 705 35.37 5.69 7.49
N VAL A 706 34.99 5.89 8.74
CA VAL A 706 34.38 7.21 9.17
C VAL A 706 35.38 8.34 9.34
N ALA A 707 36.68 7.99 9.45
CA ALA A 707 37.79 8.95 9.64
C ALA A 707 39.09 8.18 9.53
C1 NAG B . -13.82 -8.88 22.26
C2 NAG B . -15.28 -8.85 22.73
C3 NAG B . -15.44 -7.90 23.93
C4 NAG B . -14.40 -8.09 25.04
C5 NAG B . -12.99 -8.25 24.43
C6 NAG B . -11.93 -8.64 25.46
C7 NAG B . -16.89 -9.33 20.95
C8 NAG B . -17.73 -8.76 19.84
N2 NAG B . -16.14 -8.44 21.63
O3 NAG B . -16.73 -8.17 24.50
O4 NAG B . -14.48 -6.96 25.92
O5 NAG B . -13.01 -9.23 23.40
O6 NAG B . -12.18 -9.96 25.96
O7 NAG B . -16.91 -10.53 21.17
C1 NAG B . -14.69 -7.36 27.30
C2 NAG B . -14.23 -6.23 28.22
C3 NAG B . -14.64 -6.44 29.69
C4 NAG B . -16.08 -6.94 29.88
C5 NAG B . -16.44 -8.06 28.89
C6 NAG B . -17.93 -8.39 28.89
C7 NAG B . -12.18 -5.11 27.43
C8 NAG B . -10.68 -5.08 27.52
N2 NAG B . -12.79 -6.05 28.17
O3 NAG B . -14.46 -5.18 30.35
O4 NAG B . -16.28 -7.39 31.24
O5 NAG B . -16.06 -7.70 27.54
O6 NAG B . -18.67 -7.29 28.34
O7 NAG B . -12.79 -4.34 26.71
C1 NAG C . -35.23 6.38 -9.19
C2 NAG C . -36.69 6.05 -9.54
C3 NAG C . -37.51 7.32 -9.72
C4 NAG C . -37.32 8.36 -8.61
C5 NAG C . -35.82 8.53 -8.23
C6 NAG C . -35.61 9.40 -6.99
C7 NAG C . -36.98 3.93 -10.79
C8 NAG C . -37.02 3.29 -12.14
N2 NAG C . -36.75 5.24 -10.76
O3 NAG C . -38.89 6.96 -9.76
O4 NAG C . -37.91 9.59 -9.07
O5 NAG C . -35.20 7.24 -8.03
O6 NAG C . -36.21 8.80 -5.83
O7 NAG C . -37.16 3.26 -9.79
C1 NAG C . -38.82 10.19 -8.12
C2 NAG C . -38.89 11.70 -8.41
C3 NAG C . -39.89 12.41 -7.51
C4 NAG C . -41.25 11.69 -7.45
C5 NAG C . -41.01 10.22 -7.08
C6 NAG C . -42.31 9.41 -6.91
C7 NAG C . -36.72 12.55 -9.26
C8 NAG C . -35.42 13.17 -8.87
N2 NAG C . -37.56 12.29 -8.25
O3 NAG C . -40.08 13.74 -7.98
O4 NAG C . -42.15 12.39 -6.57
O5 NAG C . -40.14 9.60 -8.05
O6 NAG C . -42.85 9.10 -8.21
O7 NAG C . -36.97 12.32 -10.43
C1 NAG D . 22.15 -15.42 6.70
C2 NAG D . 22.87 -14.27 7.41
C3 NAG D . 24.30 -14.23 6.90
C4 NAG D . 24.97 -15.61 7.03
C5 NAG D . 24.11 -16.71 6.38
C6 NAG D . 24.65 -18.14 6.58
C7 NAG D . 21.81 -12.11 8.02
C8 NAG D . 22.08 -12.42 9.45
N2 NAG D . 22.21 -13.00 7.11
O3 NAG D . 24.98 -13.26 7.69
O4 NAG D . 26.23 -15.55 6.38
O5 NAG D . 22.84 -16.65 7.02
O6 NAG D . 24.76 -18.38 7.98
O7 NAG D . 21.25 -11.04 7.70
C1 NAG D . 27.29 -16.00 7.24
C2 NAG D . 28.50 -16.14 6.34
C3 NAG D . 29.74 -16.53 7.15
C4 NAG D . 29.94 -15.57 8.33
C5 NAG D . 28.65 -15.43 9.13
C6 NAG D . 28.76 -14.39 10.24
C7 NAG D . 28.03 -16.77 3.98
C8 NAG D . 27.98 -15.33 3.57
N2 NAG D . 28.25 -17.11 5.26
O3 NAG D . 30.88 -16.49 6.29
O4 NAG D . 30.97 -16.06 9.20
O5 NAG D . 27.59 -15.05 8.27
O6 NAG D . 27.95 -14.89 11.31
O7 NAG D . 27.83 -17.65 3.15
C1 BMA D . 32.16 -15.24 9.14
C2 BMA D . 32.80 -15.28 10.53
C3 BMA D . 34.19 -14.61 10.53
C4 BMA D . 35.08 -15.11 9.39
C5 BMA D . 34.34 -14.95 8.05
C6 BMA D . 35.16 -15.43 6.85
O2 BMA D . 32.85 -16.64 11.01
O3 BMA D . 34.85 -14.83 11.80
O4 BMA D . 36.29 -14.33 9.39
O5 BMA D . 33.06 -15.63 8.08
O6 BMA D . 35.13 -16.85 6.81
C1 MAN D . 34.75 -13.69 12.67
C2 MAN D . 35.83 -13.77 13.76
C3 MAN D . 35.54 -14.93 14.73
C4 MAN D . 34.10 -14.91 15.29
C5 MAN D . 33.07 -14.65 14.18
C6 MAN D . 31.66 -14.41 14.68
O2 MAN D . 35.81 -12.54 14.49
O3 MAN D . 36.50 -14.91 15.79
O4 MAN D . 33.84 -16.18 15.90
O5 MAN D . 33.46 -13.54 13.32
O6 MAN D . 30.77 -14.49 13.56
C1 NAG E . 33.75 6.69 -8.07
C2 NAG E . 33.32 8.15 -8.22
C3 NAG E . 34.47 8.85 -8.93
C4 NAG E . 35.79 8.71 -8.14
C5 NAG E . 36.10 7.23 -7.87
C6 NAG E . 37.30 7.09 -6.92
C7 NAG E . 31.13 9.18 -8.59
C8 NAG E . 29.88 9.20 -9.44
N2 NAG E . 32.06 8.28 -8.96
O3 NAG E . 34.13 10.24 -9.04
O4 NAG E . 36.95 9.14 -8.89
O5 NAG E . 34.93 6.65 -7.26
O6 NAG E . 37.86 5.77 -6.90
O7 NAG E . 31.29 9.91 -7.63
C1 NAG E . 37.09 10.57 -8.95
C2 NAG E . 38.56 10.95 -8.80
C3 NAG E . 38.77 12.42 -9.12
C4 NAG E . 38.16 12.77 -10.49
C5 NAG E . 36.70 12.30 -10.58
C6 NAG E . 36.11 12.41 -11.99
C7 NAG E . 39.87 9.65 -7.13
C8 NAG E . 40.42 8.74 -8.21
N2 NAG E . 39.02 10.65 -7.46
O3 NAG E . 40.19 12.66 -9.10
O4 NAG E . 38.09 14.18 -10.70
O5 NAG E . 36.61 10.92 -10.23
O6 NAG E . 34.71 12.71 -11.89
O7 NAG E . 40.20 9.48 -5.96
C1 BMA E . 39.27 14.66 -11.34
C2 BMA E . 38.89 15.76 -12.31
C3 BMA E . 40.15 16.40 -12.88
C4 BMA E . 41.11 16.84 -11.76
C5 BMA E . 41.39 15.64 -10.84
C6 BMA E . 42.27 16.00 -9.66
O2 BMA E . 38.11 16.75 -11.60
O3 BMA E . 39.69 17.52 -13.64
O4 BMA E . 42.32 17.33 -12.29
O5 BMA E . 40.13 15.18 -10.33
O6 BMA E . 42.32 14.85 -8.81
C1 MAN E . 40.32 17.60 -14.94
C2 MAN E . 40.14 19.04 -15.43
C3 MAN E . 38.68 19.30 -15.81
C4 MAN E . 38.09 18.23 -16.75
C5 MAN E . 38.40 16.82 -16.22
C6 MAN E . 37.93 15.71 -17.17
O2 MAN E . 41.05 19.22 -16.52
O3 MAN E . 38.51 20.59 -16.41
O4 MAN E . 36.66 18.38 -16.86
O5 MAN E . 39.80 16.69 -15.92
O6 MAN E . 38.82 15.62 -18.29
C1 MAN E . 43.47 14.91 -7.95
C2 MAN E . 43.83 13.50 -7.45
C3 MAN E . 42.75 12.98 -6.49
C4 MAN E . 42.45 13.96 -5.35
C5 MAN E . 42.31 15.42 -5.85
C6 MAN E . 42.36 16.38 -4.68
O2 MAN E . 45.08 13.58 -6.74
O3 MAN E . 43.15 11.73 -5.92
O4 MAN E . 41.25 13.55 -4.67
O5 MAN E . 43.32 15.78 -6.81
O6 MAN E . 41.31 17.35 -4.88
C1 NAG F . -27.87 15.71 4.30
C2 NAG F . -27.40 17.08 4.74
C3 NAG F . -28.53 18.00 5.26
C4 NAG F . -29.92 17.78 4.62
C5 NAG F . -30.19 16.29 4.37
C6 NAG F . -31.57 15.97 3.76
C7 NAG F . -25.12 17.21 5.60
C8 NAG F . -24.20 16.86 6.73
N2 NAG F . -26.39 16.83 5.75
O3 NAG F . -28.13 19.34 5.00
O4 NAG F . -30.95 18.38 5.45
O5 NAG F . -29.12 15.73 3.59
O6 NAG F . -31.71 16.36 2.38
O7 NAG F . -24.71 17.79 4.61
C1 NAG G . -12.68 18.36 -26.73
C2 NAG G . -11.67 19.21 -27.51
C3 NAG G . -11.44 20.53 -26.76
C4 NAG G . -12.76 21.30 -26.65
C5 NAG G . -13.85 20.44 -25.96
C6 NAG G . -15.21 21.16 -26.01
C7 NAG G . -10.04 17.91 -28.89
C8 NAG G . -10.95 17.91 -30.10
N2 NAG G . -10.42 18.52 -27.75
O3 NAG G . -10.46 21.32 -27.43
O4 NAG G . -12.54 22.52 -25.95
O5 NAG G . -13.91 19.10 -26.53
O6 NAG G . -16.28 20.36 -26.53
O7 NAG G . -8.96 17.36 -28.95
ZN ZN H . -8.24 -1.51 2.54
ZN ZN I . -5.91 -2.42 4.72
CA CA J . -0.44 16.44 8.70
CL CL K . 0.88 -5.73 4.64
C1 NAG L . -7.53 -22.50 -1.14
C2 NAG L . -8.19 -21.66 -2.25
C3 NAG L . -8.87 -22.49 -3.38
C4 NAG L . -7.92 -23.56 -3.94
C5 NAG L . -7.29 -24.37 -2.80
C6 NAG L . -6.26 -25.41 -3.29
C7 NAG L . -8.82 -19.30 -1.98
C8 NAG L . -9.72 -18.31 -1.34
N2 NAG L . -9.01 -20.59 -1.67
O3 NAG L . -9.17 -21.69 -4.53
O4 NAG L . -8.61 -24.39 -4.91
O5 NAG L . -6.69 -23.50 -1.80
O6 NAG L . -5.33 -24.88 -4.27
O7 NAG L . -7.99 -18.95 -2.79
OE1 D6E M . -4.92 5.69 0.32
CD D6E M . -4.07 4.79 0.15
OE2 D6E M . -2.89 5.00 -0.22
CG D6E M . -4.53 3.34 0.11
CB D6E M . -5.74 3.03 1.04
CA D6E M . -6.25 1.59 0.74
C D6E M . -6.81 1.55 -0.72
OXT D6E M . -8.01 1.92 -0.88
O D6E M . -6.09 1.11 -1.66
N D6E M . -5.17 0.59 0.80
CAR D6E M . -5.37 -0.68 0.40
OAF D6E M . -6.52 -1.11 0.26
NAN D6E M . -4.28 -1.42 0.32
CAU D6E M . -4.31 -2.83 -0.12
CAQ D6E M . -3.12 -3.56 0.45
OAI D6E M . -2.00 -3.02 0.38
OAE D6E M . -3.41 -4.64 1.02
CAL D6E M . -4.23 -2.75 -1.68
CAS D6E M . -3.99 -4.11 -2.34
CAB D6E M . -3.82 -3.92 -3.86
CAA D6E M . -5.23 -5.01 -2.10
#